data_8PG0
#
_entry.id   8PG0
#
_cell.length_a   1.00
_cell.length_b   1.00
_cell.length_c   1.00
_cell.angle_alpha   90.00
_cell.angle_beta   90.00
_cell.angle_gamma   90.00
#
_symmetry.space_group_name_H-M   'P 1'
#
loop_
_entity.id
_entity.type
_entity.pdbx_description
1 polymer 'Solute carrier organic anion transporter family member 1B3'
2 polymer 'Fab19 (heavy chain, variable region)'
3 polymer 'Fab19 (light chain, variable region)'
4 non-polymer 2-acetamido-2-deoxy-beta-D-glucopyranose
5 non-polymer 'BICARBONATE ION'
6 non-polymer CHOLESTEROL
#
loop_
_entity_poly.entity_id
_entity_poly.type
_entity_poly.pdbx_seq_one_letter_code
_entity_poly.pdbx_strand_id
1 'polypeptide(L)'
;MDQHQHLNKTAESASSEKKKTRRCNGFKMFLAALSFSYIAKALGGIIMKISITQIERRFDISSSLAGLIDGSFEIGNLLV
IVFVSYFGSKLHRPKLIGIGCLLMGTGSILTSLPHFFMGYYRYSKETHINPSENSTSSLSTCLINQTLSFNGTSPEIVEK
DCVKESGSHMWIYVFMGNMLRGIGETPIVPLGISYIDDFAKEGHSSLYLGSLNAIGMIGPVIGFALGSLFAKMYVDIGYV
DLSTIRITPKDSRWVGAWWLGFLVSGLFSIISSIPFFFLPKNPNKPQKERKISLSLHVLKTNDDRNQTANLTNQGKNVTK
NVTGFFQSLKSILTNPLYVIFLLLTLLQVSSFIGSFTYVFKYMEQQYGQSASHANFLLGIITIPTVATGMFLGGFIIKKF
KLSLVGIAKFSFLTSMISFLFQLLYFPLICESKSVAGLTLTYDGNNSVASHVDVPLSYCNSECNCDESQWEPVCGNNGIT
YLSPCLAGCKSSSGIKKHTVFYNCSCVEVTGLQNRNYSAHLGECPRDNTCTRKFFIYVAIQVINSLFSATGGTTFILLTV
KIVQPELKALAMGFQSMVIRTLGGILAPIYFGALIDKTCMKWSTNSCGAQGACRIYNSVFFGRVYLGLSIALRFPALVLY
IVFIFAMKKKFQGKDTKASDNERKVMDEANLEFLNNGEHFVPSAGTDSKTCNLDMQDNAAAN
;
A
2 'polypeptide(L)'
;EISEVQLVESGGGLVQPGGSLRLSCAASGFNFSSSSIHWVRQAPGKGLEWVASISSSSGSTSYADSVKGRFTISADTSKN
TAYLQMNSLRAEDTAVYYCARYYIKRWWLMSWEDYSMGLDYWGQGTLVTVSSASTKGPSVFPLAPSSKSTSGGTAALGCL
VKDYFPEPVTVSWNSGALTSGVHTFPAVLQSSGLYSLSSVVTVPSSSLGTQTYICNVNHKPSNTKVDKKVEPKSCDKTHT
;
H
3 'polypeptide(L)'
;SDIQMTQSPSSLSASVGDRVTITCRASQSVSSAVAWYQQKPGKAPKLLIYSASSLYSGVPSRFSGSRSGTDFTLTISSLQ
PEDFATYYCQQSSSSLITFGQGTKVEIKRTVAAPSVFIFPPSDSQLKSGTASVVCLLNNFYPREAKVQWKVDNALQSGNS
QESVTEQDSKDSTYSLSSTLTLSKADYEKHKVYACEVTHQGLSSPVTKSFNRGEC
;
L
#
# COMPACT_ATOMS: atom_id res chain seq x y z
N GLY A 26 9.53 -10.22 34.44
CA GLY A 26 8.12 -9.90 34.50
C GLY A 26 7.58 -9.34 33.20
N PHE A 27 6.28 -9.54 32.96
CA PHE A 27 5.68 -9.07 31.72
C PHE A 27 5.42 -7.58 31.71
N LYS A 28 5.10 -6.99 32.87
CA LYS A 28 4.84 -5.56 32.94
C LYS A 28 6.08 -4.74 32.61
N MET A 29 7.23 -5.17 33.15
CA MET A 29 8.48 -4.47 32.85
C MET A 29 8.82 -4.55 31.37
N PHE A 30 8.63 -5.73 30.77
CA PHE A 30 8.88 -5.86 29.33
C PHE A 30 7.91 -5.00 28.54
N LEU A 31 6.66 -4.91 28.97
CA LEU A 31 5.69 -4.07 28.28
C LEU A 31 6.10 -2.60 28.33
N ALA A 32 6.53 -2.13 29.50
CA ALA A 32 6.98 -0.75 29.62
C ALA A 32 8.21 -0.49 28.76
N ALA A 33 9.17 -1.42 28.77
CA ALA A 33 10.38 -1.26 27.97
C ALA A 33 10.06 -1.24 26.48
N LEU A 34 9.15 -2.11 26.05
CA LEU A 34 8.77 -2.15 24.63
C LEU A 34 8.01 -0.90 24.23
N SER A 35 7.18 -0.36 25.14
CA SER A 35 6.50 0.90 24.85
C SER A 35 7.52 2.02 24.67
N PHE A 36 8.52 2.08 25.55
CA PHE A 36 9.57 3.07 25.40
C PHE A 36 10.34 2.88 24.09
N SER A 37 10.55 1.63 23.69
CA SER A 37 11.22 1.35 22.43
C SER A 37 10.41 1.83 21.24
N TYR A 38 9.10 1.62 21.25
CA TYR A 38 8.25 2.16 20.20
C TYR A 38 8.30 3.68 20.16
N ILE A 39 8.25 4.32 21.33
CA ILE A 39 8.33 5.78 21.37
C ILE A 39 9.65 6.25 20.77
N ALA A 40 10.75 5.60 21.14
CA ALA A 40 12.07 5.99 20.63
C ALA A 40 12.16 5.78 19.13
N LYS A 41 11.62 4.66 18.63
CA LYS A 41 11.65 4.40 17.18
C LYS A 41 10.89 5.47 16.42
N ALA A 42 9.67 5.78 16.87
CA ALA A 42 8.89 6.80 16.19
C ALA A 42 9.55 8.17 16.27
N LEU A 43 10.13 8.50 17.43
CA LEU A 43 10.80 9.77 17.60
C LEU A 43 12.00 9.89 16.67
N GLY A 44 12.80 8.82 16.55
CA GLY A 44 13.92 8.86 15.63
C GLY A 44 13.48 9.01 14.18
N GLY A 45 12.43 8.28 13.80
CA GLY A 45 11.91 8.43 12.45
C GLY A 45 11.47 9.85 12.14
N ILE A 46 10.73 10.46 13.07
CA ILE A 46 10.25 11.82 12.86
C ILE A 46 11.41 12.80 12.82
N ILE A 47 12.40 12.62 13.70
CA ILE A 47 13.55 13.51 13.73
C ILE A 47 14.29 13.46 12.40
N MET A 48 14.50 12.26 11.87
CA MET A 48 15.16 12.14 10.57
C MET A 48 14.31 12.80 9.48
N LYS A 49 12.99 12.58 9.53
CA LYS A 49 12.13 13.08 8.47
C LYS A 49 12.09 14.62 8.43
N ILE A 50 12.06 15.26 9.60
CA ILE A 50 11.90 16.71 9.64
C ILE A 50 13.19 17.47 9.39
N SER A 51 14.34 16.81 9.43
CA SER A 51 15.62 17.50 9.32
C SER A 51 16.23 17.45 7.93
N ILE A 52 15.52 16.90 6.94
CA ILE A 52 16.13 16.61 5.65
C ILE A 52 16.61 17.89 4.96
N THR A 53 15.74 18.91 4.92
CA THR A 53 16.10 20.15 4.22
C THR A 53 17.28 20.84 4.89
N GLN A 54 17.35 20.77 6.23
CA GLN A 54 18.50 21.31 6.93
C GLN A 54 19.77 20.57 6.55
N ILE A 55 19.69 19.24 6.39
CA ILE A 55 20.84 18.47 5.92
C ILE A 55 21.26 18.93 4.53
N GLU A 56 20.30 19.13 3.63
CA GLU A 56 20.62 19.59 2.29
C GLU A 56 21.31 20.95 2.31
N ARG A 57 20.81 21.86 3.14
CA ARG A 57 21.42 23.19 3.22
C ARG A 57 22.83 23.11 3.83
N ARG A 58 22.99 22.35 4.92
CA ARG A 58 24.26 22.31 5.62
C ARG A 58 25.35 21.64 4.79
N PHE A 59 25.03 20.53 4.15
CA PHE A 59 26.04 19.76 3.42
C PHE A 59 26.10 20.10 1.93
N ASP A 60 25.30 21.06 1.48
CA ASP A 60 25.33 21.52 0.08
C ASP A 60 25.09 20.38 -0.89
N ILE A 61 24.18 19.48 -0.54
CA ILE A 61 23.89 18.31 -1.35
C ILE A 61 22.53 18.50 -2.02
N SER A 62 22.34 17.79 -3.13
CA SER A 62 21.09 17.86 -3.87
C SER A 62 20.01 17.06 -3.15
N SER A 63 18.78 17.17 -3.65
CA SER A 63 17.67 16.43 -3.07
C SER A 63 17.71 14.95 -3.40
N SER A 64 18.35 14.56 -4.52
CA SER A 64 18.54 13.14 -4.80
C SER A 64 19.45 12.49 -3.76
N LEU A 65 20.54 13.18 -3.39
CA LEU A 65 21.41 12.66 -2.35
C LEU A 65 20.70 12.60 -1.00
N ALA A 66 19.87 13.62 -0.70
CA ALA A 66 19.10 13.60 0.53
C ALA A 66 18.12 12.43 0.53
N GLY A 67 17.51 12.14 -0.62
CA GLY A 67 16.64 10.98 -0.71
C GLY A 67 17.39 9.68 -0.54
N LEU A 68 18.63 9.62 -1.06
CA LEU A 68 19.46 8.44 -0.84
C LEU A 68 19.77 8.25 0.65
N ILE A 69 20.07 9.35 1.34
CA ILE A 69 20.30 9.27 2.79
C ILE A 69 19.03 8.80 3.50
N ASP A 70 17.88 9.30 3.05
N ASP A 70 17.88 9.30 3.05
CA ASP A 70 16.60 8.89 3.65
CA ASP A 70 16.60 8.89 3.65
C ASP A 70 16.36 7.40 3.44
C ASP A 70 16.36 7.40 3.44
N GLY A 71 16.65 6.89 2.25
CA GLY A 71 16.46 5.48 1.95
C GLY A 71 17.53 4.56 2.52
N SER A 72 18.64 5.12 2.98
CA SER A 72 19.65 4.31 3.65
C SER A 72 19.10 3.66 4.92
N PHE A 73 18.09 4.25 5.55
CA PHE A 73 17.43 3.60 6.68
C PHE A 73 16.81 2.28 6.26
N GLU A 74 16.06 2.28 5.16
CA GLU A 74 15.48 1.04 4.66
C GLU A 74 16.55 0.09 4.16
N ILE A 75 17.64 0.62 3.61
CA ILE A 75 18.77 -0.25 3.21
C ILE A 75 19.31 -1.00 4.42
N GLY A 76 19.55 -0.29 5.52
CA GLY A 76 20.03 -0.94 6.72
C GLY A 76 19.03 -1.93 7.28
N ASN A 77 17.73 -1.60 7.23
CA ASN A 77 16.72 -2.53 7.69
C ASN A 77 16.71 -3.81 6.86
N LEU A 78 16.87 -3.67 5.55
CA LEU A 78 16.88 -4.82 4.65
C LEU A 78 18.11 -5.68 4.85
N LEU A 79 19.24 -5.06 5.19
CA LEU A 79 20.47 -5.83 5.40
C LEU A 79 20.38 -6.79 6.59
N VAL A 80 19.40 -6.63 7.47
CA VAL A 80 19.34 -7.40 8.70
C VAL A 80 18.00 -8.10 8.91
N ILE A 81 16.94 -7.69 8.20
CA ILE A 81 15.63 -8.31 8.43
C ILE A 81 15.65 -9.78 8.02
N VAL A 82 16.38 -10.13 6.96
CA VAL A 82 16.41 -11.52 6.50
C VAL A 82 17.06 -12.42 7.55
N PHE A 83 18.05 -11.87 8.27
CA PHE A 83 18.75 -12.66 9.32
C PHE A 83 17.78 -12.96 10.46
N VAL A 84 17.24 -11.92 11.09
CA VAL A 84 16.29 -12.09 12.24
C VAL A 84 15.14 -13.01 11.81
N SER A 85 14.73 -12.93 10.54
CA SER A 85 13.57 -13.73 10.06
C SER A 85 13.88 -15.22 10.11
N TYR A 86 15.13 -15.61 10.43
CA TYR A 86 15.51 -17.04 10.40
C TYR A 86 16.07 -17.48 11.76
N PHE A 87 16.35 -16.52 12.65
CA PHE A 87 16.96 -16.85 13.94
C PHE A 87 16.09 -16.29 15.05
N GLY A 88 15.29 -17.15 15.67
CA GLY A 88 14.42 -16.74 16.76
C GLY A 88 13.29 -15.82 16.33
N LEU A 91 17.73 -15.70 18.95
CA LEU A 91 18.21 -16.14 20.26
C LEU A 91 17.44 -15.45 21.38
N HIS A 92 18.17 -14.88 22.33
CA HIS A 92 17.56 -14.16 23.45
C HIS A 92 16.87 -12.92 22.92
N ARG A 93 15.53 -12.94 22.89
CA ARG A 93 14.79 -11.84 22.28
C ARG A 93 14.96 -10.52 23.04
N PRO A 94 14.79 -10.44 24.37
CA PRO A 94 15.00 -9.14 25.04
C PRO A 94 16.41 -8.59 24.84
N LYS A 95 17.43 -9.44 24.90
CA LYS A 95 18.80 -8.97 24.72
C LYS A 95 19.01 -8.42 23.32
N LEU A 96 18.46 -9.11 22.31
CA LEU A 96 18.65 -8.67 20.93
C LEU A 96 17.87 -7.40 20.66
N ILE A 97 16.70 -7.24 21.27
CA ILE A 97 15.95 -5.98 21.15
C ILE A 97 16.73 -4.85 21.80
N GLY A 98 17.32 -5.10 22.97
CA GLY A 98 18.15 -4.08 23.60
C GLY A 98 19.34 -3.69 22.75
N ILE A 99 19.98 -4.68 22.12
CA ILE A 99 21.09 -4.40 21.21
C ILE A 99 20.60 -3.54 20.04
N GLY A 100 19.41 -3.86 19.52
CA GLY A 100 18.86 -3.07 18.43
C GLY A 100 18.61 -1.62 18.82
N CYS A 101 18.04 -1.41 20.00
CA CYS A 101 17.79 -0.04 20.44
C CYS A 101 19.11 0.70 20.72
N LEU A 102 20.12 -0.02 21.23
CA LEU A 102 21.43 0.58 21.39
C LEU A 102 22.02 1.00 20.05
N LEU A 103 21.85 0.16 19.03
CA LEU A 103 22.33 0.53 17.70
C LEU A 103 21.54 1.69 17.13
N MET A 104 20.26 1.79 17.46
CA MET A 104 19.46 2.97 17.09
C MET A 104 20.08 4.24 17.67
N GLY A 105 20.34 4.22 18.98
CA GLY A 105 20.94 5.38 19.63
C GLY A 105 22.31 5.70 19.06
N THR A 106 23.11 4.66 18.80
CA THR A 106 24.44 4.87 18.23
C THR A 106 24.36 5.49 16.84
N GLY A 107 23.40 5.03 16.05
CA GLY A 107 23.19 5.62 14.70
C GLY A 107 22.69 7.05 14.80
N SER A 108 21.82 7.32 15.78
CA SER A 108 21.25 8.68 15.97
C SER A 108 22.36 9.65 16.41
N ILE A 109 23.34 9.16 17.15
CA ILE A 109 24.45 10.03 17.65
C ILE A 109 25.52 10.14 16.54
N LEU A 110 25.83 9.04 15.85
CA LEU A 110 26.79 9.10 14.73
C LEU A 110 26.37 10.22 13.77
N THR A 111 25.07 10.33 13.49
CA THR A 111 24.57 11.38 12.57
C THR A 111 24.72 12.75 13.25
N SER A 112 24.63 12.81 14.59
CA SER A 112 24.90 14.08 15.25
C SER A 112 26.36 14.48 15.26
N LEU A 113 27.29 13.51 15.19
CA LEU A 113 28.73 13.75 15.30
C LEU A 113 29.31 14.75 14.30
N PRO A 114 28.87 14.77 13.03
CA PRO A 114 29.43 15.77 12.10
C PRO A 114 29.29 17.20 12.56
N HIS A 115 28.38 17.50 13.50
CA HIS A 115 28.32 18.83 14.07
C HIS A 115 29.60 19.15 14.82
N PHE A 116 30.09 18.22 15.64
CA PHE A 116 31.34 18.43 16.36
C PHE A 116 32.56 18.24 15.47
N PHE A 117 32.44 17.44 14.41
CA PHE A 117 33.57 17.15 13.55
C PHE A 117 33.69 18.13 12.37
N MET A 118 32.84 19.14 12.30
CA MET A 118 32.89 20.13 11.24
C MET A 118 33.23 21.50 11.80
N GLY A 119 33.59 22.41 10.89
CA GLY A 119 33.80 23.79 11.25
C GLY A 119 32.49 24.57 11.26
N TYR A 120 32.63 25.88 11.47
CA TYR A 120 31.47 26.75 11.55
C TYR A 120 30.78 26.84 10.19
N TYR A 121 29.45 26.82 10.22
CA TYR A 121 28.67 26.97 9.00
C TYR A 121 28.80 28.39 8.45
N ARG A 122 28.96 28.48 7.13
CA ARG A 122 29.13 29.76 6.45
C ARG A 122 27.92 30.02 5.56
N TYR A 123 27.29 31.18 5.74
CA TYR A 123 26.15 31.56 4.92
C TYR A 123 26.54 32.63 3.91
N HIS A 169 32.32 15.58 1.79
CA HIS A 169 31.64 14.29 1.83
C HIS A 169 31.28 13.92 3.26
N MET A 170 30.95 14.94 4.06
CA MET A 170 30.58 14.72 5.44
C MET A 170 29.19 14.11 5.58
N TRP A 171 28.40 14.12 4.51
CA TRP A 171 27.08 13.49 4.53
C TRP A 171 27.17 11.97 4.60
N ILE A 172 28.36 11.40 4.39
CA ILE A 172 28.54 9.96 4.51
C ILE A 172 28.26 9.52 5.93
N TYR A 173 28.64 10.34 6.91
CA TYR A 173 28.34 10.02 8.31
C TYR A 173 26.85 10.01 8.56
N VAL A 174 26.11 10.97 7.97
CA VAL A 174 24.65 10.98 8.09
C VAL A 174 24.06 9.71 7.46
N PHE A 175 24.57 9.33 6.30
CA PHE A 175 24.10 8.13 5.62
C PHE A 175 24.32 6.88 6.47
N MET A 176 25.51 6.73 7.04
CA MET A 176 25.80 5.57 7.86
C MET A 176 25.03 5.60 9.18
N GLY A 177 24.81 6.78 9.75
CA GLY A 177 23.99 6.86 10.94
C GLY A 177 22.56 6.43 10.68
N ASN A 178 22.00 6.85 9.55
CA ASN A 178 20.66 6.40 9.18
C ASN A 178 20.63 4.89 8.96
N MET A 179 21.66 4.34 8.31
CA MET A 179 21.73 2.89 8.12
C MET A 179 21.77 2.16 9.46
N LEU A 180 22.59 2.65 10.39
CA LEU A 180 22.69 2.03 11.71
C LEU A 180 21.37 2.12 12.46
N ARG A 181 20.67 3.25 12.32
CA ARG A 181 19.37 3.39 12.94
C ARG A 181 18.37 2.39 12.39
N GLY A 182 18.41 2.17 11.06
CA GLY A 182 17.54 1.15 10.48
C GLY A 182 17.86 -0.24 10.96
N ILE A 183 19.15 -0.58 11.01
CA ILE A 183 19.58 -1.88 11.53
C ILE A 183 19.10 -2.05 12.96
N GLY A 184 19.11 -0.99 13.76
CA GLY A 184 18.63 -1.07 15.11
C GLY A 184 17.13 -1.15 15.25
N GLU A 185 16.39 -0.51 14.34
CA GLU A 185 14.93 -0.58 14.38
C GLU A 185 14.41 -1.93 13.92
N THR A 186 15.15 -2.63 13.07
CA THR A 186 14.67 -3.91 12.55
C THR A 186 14.25 -4.90 13.64
N PRO A 187 15.04 -5.17 14.68
CA PRO A 187 14.63 -6.23 15.64
C PRO A 187 13.35 -5.94 16.39
N ILE A 188 13.01 -4.67 16.62
CA ILE A 188 11.99 -4.34 17.63
C ILE A 188 10.63 -4.89 17.27
N VAL A 189 10.24 -4.81 15.99
CA VAL A 189 8.88 -5.15 15.61
C VAL A 189 8.64 -6.66 15.70
N PRO A 190 9.42 -7.53 15.00
CA PRO A 190 9.09 -8.97 15.04
C PRO A 190 9.36 -9.62 16.39
N LEU A 191 10.52 -9.35 16.99
CA LEU A 191 10.90 -9.96 18.26
C LEU A 191 9.96 -9.52 19.37
N GLY A 192 9.52 -8.27 19.31
CA GLY A 192 8.60 -7.77 20.31
C GLY A 192 7.29 -8.54 20.33
N ILE A 193 6.67 -8.72 19.16
CA ILE A 193 5.41 -9.44 19.11
C ILE A 193 5.64 -10.92 19.40
N SER A 194 6.79 -11.47 19.02
CA SER A 194 7.11 -12.85 19.35
C SER A 194 7.13 -13.05 20.87
N TYR A 195 7.81 -12.16 21.59
CA TYR A 195 7.83 -12.27 23.04
C TYR A 195 6.47 -11.98 23.65
N ILE A 196 5.69 -11.07 23.04
CA ILE A 196 4.37 -10.75 23.57
C ILE A 196 3.45 -11.96 23.50
N ASP A 197 3.37 -12.60 22.33
CA ASP A 197 2.46 -13.72 22.17
C ASP A 197 3.01 -15.03 22.75
N ASP A 198 4.33 -15.11 22.96
CA ASP A 198 4.90 -16.33 23.52
C ASP A 198 4.50 -16.49 24.99
N PHE A 199 4.65 -15.43 25.78
CA PHE A 199 4.29 -15.48 27.20
C PHE A 199 2.80 -15.26 27.45
N ALA A 200 2.03 -14.93 26.42
CA ALA A 200 0.60 -14.71 26.60
C ALA A 200 -0.16 -15.04 25.31
N LEU A 207 -4.75 -6.34 20.31
CA LEU A 207 -4.80 -6.11 21.75
C LEU A 207 -3.56 -5.37 22.22
N TYR A 208 -2.50 -6.12 22.52
CA TYR A 208 -1.26 -5.50 22.99
C TYR A 208 -0.61 -4.68 21.88
N LEU A 209 -0.69 -5.16 20.63
CA LEU A 209 -0.06 -4.46 19.53
C LEU A 209 -0.69 -3.10 19.30
N GLY A 210 -2.02 -3.02 19.38
CA GLY A 210 -2.69 -1.74 19.21
C GLY A 210 -2.32 -0.74 20.30
N SER A 211 -2.26 -1.20 21.54
CA SER A 211 -1.82 -0.31 22.63
C SER A 211 -0.38 0.13 22.44
N LEU A 212 0.49 -0.78 21.99
CA LEU A 212 1.87 -0.42 21.74
C LEU A 212 1.98 0.64 20.65
N ASN A 213 1.19 0.50 19.58
CA ASN A 213 1.17 1.54 18.55
C ASN A 213 0.64 2.86 19.10
N ALA A 214 -0.38 2.78 19.97
CA ALA A 214 -0.91 4.01 20.57
C ALA A 214 0.13 4.74 21.39
N ILE A 215 0.92 4.01 22.18
CA ILE A 215 1.97 4.66 22.96
C ILE A 215 3.10 5.14 22.06
N GLY A 216 3.44 4.37 21.02
CA GLY A 216 4.46 4.81 20.08
C GLY A 216 4.03 6.04 19.30
N MET A 217 2.73 6.30 19.24
CA MET A 217 2.23 7.52 18.60
C MET A 217 2.64 8.76 19.38
N ILE A 218 3.08 8.60 20.64
CA ILE A 218 3.61 9.73 21.39
C ILE A 218 4.90 10.24 20.77
N GLY A 219 5.70 9.35 20.19
CA GLY A 219 6.98 9.71 19.62
C GLY A 219 6.93 10.77 18.55
N PRO A 220 6.04 10.66 17.53
CA PRO A 220 5.90 11.71 16.52
C PRO A 220 5.69 13.07 17.20
N VAL A 221 4.77 13.12 18.17
CA VAL A 221 4.49 14.39 18.92
C VAL A 221 5.83 14.99 19.36
N ILE A 222 6.59 14.31 20.13
CA ILE A 222 7.84 14.79 20.71
C ILE A 222 8.81 15.19 19.59
N GLY A 223 8.89 14.36 18.55
CA GLY A 223 9.80 14.66 17.45
C GLY A 223 9.44 15.94 16.73
N PHE A 224 8.14 16.12 16.43
CA PHE A 224 7.70 17.34 15.75
C PHE A 224 7.92 18.57 16.61
N ALA A 225 7.60 18.49 17.90
CA ALA A 225 7.81 19.62 18.80
C ALA A 225 9.29 19.98 18.88
N LEU A 226 10.16 18.97 19.06
CA LEU A 226 11.59 19.24 19.19
C LEU A 226 12.17 19.77 17.88
N GLY A 227 11.71 19.26 16.74
CA GLY A 227 12.19 19.78 15.47
C GLY A 227 11.75 21.21 15.22
N SER A 228 10.51 21.53 15.57
CA SER A 228 10.04 22.90 15.44
C SER A 228 10.83 23.84 16.36
N LEU A 229 11.16 23.37 17.57
CA LEU A 229 11.94 24.19 18.48
C LEU A 229 13.37 24.37 17.98
N PHE A 230 13.97 23.31 17.42
CA PHE A 230 15.38 23.32 17.07
C PHE A 230 15.67 23.92 15.71
N ALA A 231 14.68 24.01 14.82
CA ALA A 231 14.91 24.61 13.52
C ALA A 231 14.95 26.13 13.59
N LYS A 232 14.48 26.72 14.69
CA LYS A 232 14.56 28.15 14.89
C LYS A 232 15.77 28.55 15.74
N MET A 233 16.58 27.60 16.16
CA MET A 233 17.85 27.87 16.82
C MET A 233 18.97 27.65 15.83
N TYR A 234 19.96 28.56 15.84
CA TYR A 234 20.99 28.54 14.81
C TYR A 234 21.82 27.26 14.89
N VAL A 235 22.40 26.90 13.75
CA VAL A 235 23.16 25.66 13.66
C VAL A 235 24.39 25.69 14.56
N ASP A 236 25.03 26.86 14.66
CA ASP A 236 26.24 27.03 15.47
C ASP A 236 25.94 27.63 16.83
N ILE A 237 24.79 27.27 17.42
CA ILE A 237 24.44 27.77 18.73
C ILE A 237 25.41 27.23 19.77
N GLY A 238 25.90 28.10 20.64
CA GLY A 238 26.90 27.74 21.62
C GLY A 238 28.33 27.99 21.18
N TYR A 239 28.56 28.20 19.88
CA TYR A 239 29.88 28.53 19.36
C TYR A 239 29.98 29.94 18.80
N VAL A 240 28.86 30.64 18.64
CA VAL A 240 28.85 32.01 18.14
C VAL A 240 28.07 32.88 19.10
N ASP A 241 28.34 34.18 19.05
CA ASP A 241 27.64 35.12 19.92
C ASP A 241 26.19 35.31 19.49
N LEU A 242 25.87 34.96 18.24
CA LEU A 242 24.51 34.96 17.70
C LEU A 242 23.99 36.38 17.48
N SER A 243 24.75 37.38 17.91
CA SER A 243 24.39 38.77 17.67
C SER A 243 24.92 39.21 16.32
N THR A 244 25.74 38.38 15.69
CA THR A 244 26.34 38.68 14.40
C THR A 244 25.73 37.91 13.24
N ILE A 245 24.77 37.02 13.50
CA ILE A 245 24.15 36.24 12.43
C ILE A 245 23.24 37.14 11.62
N ARG A 246 23.58 37.35 10.34
CA ARG A 246 22.82 38.23 9.48
C ARG A 246 21.53 37.60 8.99
N ILE A 247 21.53 36.29 8.76
CA ILE A 247 20.39 35.61 8.14
C ILE A 247 19.31 35.34 9.18
N THR A 248 18.12 34.98 8.70
CA THR A 248 16.94 34.72 9.51
C THR A 248 16.36 33.37 9.10
N PRO A 249 15.51 32.77 9.95
CA PRO A 249 14.90 31.48 9.58
C PRO A 249 14.13 31.53 8.27
N LYS A 250 13.55 32.69 7.91
CA LYS A 250 12.85 32.82 6.64
C LYS A 250 13.79 32.82 5.45
N ASP A 251 15.10 32.92 5.67
CA ASP A 251 16.05 32.98 4.57
C ASP A 251 16.37 31.58 4.06
N SER A 252 16.83 31.51 2.82
CA SER A 252 17.14 30.25 2.15
C SER A 252 18.54 29.74 2.47
N ARG A 253 19.23 30.34 3.44
CA ARG A 253 20.54 29.89 3.86
C ARG A 253 20.57 29.50 5.33
N TRP A 254 19.42 29.52 6.00
CA TRP A 254 19.35 29.25 7.44
C TRP A 254 19.42 27.76 7.68
N VAL A 255 20.16 27.36 8.71
CA VAL A 255 20.26 25.97 9.16
C VAL A 255 19.98 25.93 10.64
N GLY A 256 19.09 25.03 11.06
CA GLY A 256 18.75 24.89 12.46
C GLY A 256 19.66 23.92 13.19
N ALA A 257 19.29 23.64 14.44
CA ALA A 257 20.05 22.72 15.28
C ALA A 257 19.44 21.32 15.19
N TRP A 258 19.55 20.75 13.99
CA TRP A 258 19.04 19.41 13.73
C TRP A 258 19.84 18.38 14.50
N TRP A 259 21.13 18.65 14.69
CA TRP A 259 22.02 17.75 15.42
C TRP A 259 21.52 17.49 16.84
N LEU A 260 21.04 18.53 17.52
CA LEU A 260 20.52 18.39 18.87
C LEU A 260 19.37 17.39 18.87
N GLY A 261 18.46 17.55 17.92
CA GLY A 261 17.32 16.66 17.78
C GLY A 261 17.80 15.23 17.65
N PHE A 262 18.80 15.02 16.80
CA PHE A 262 19.37 13.69 16.58
C PHE A 262 20.02 13.17 17.86
N LEU A 263 20.76 14.02 18.55
CA LEU A 263 21.41 13.61 19.80
C LEU A 263 20.38 13.25 20.87
N VAL A 264 19.31 14.05 20.99
CA VAL A 264 18.28 13.76 21.98
C VAL A 264 17.62 12.42 21.69
N SER A 265 17.31 12.17 20.40
CA SER A 265 16.74 10.87 20.03
C SER A 265 17.70 9.74 20.36
N GLY A 266 18.99 9.94 20.11
CA GLY A 266 19.97 8.91 20.44
C GLY A 266 20.03 8.59 21.91
N LEU A 267 20.07 9.62 22.76
CA LEU A 267 20.09 9.37 24.19
C LEU A 267 18.80 8.70 24.66
N PHE A 268 17.65 9.12 24.10
CA PHE A 268 16.40 8.47 24.48
C PHE A 268 16.42 6.98 24.12
N SER A 269 16.93 6.66 22.94
CA SER A 269 17.04 5.25 22.55
C SER A 269 17.99 4.49 23.47
N ILE A 270 19.09 5.13 23.89
CA ILE A 270 20.04 4.47 24.76
C ILE A 270 19.41 4.17 26.12
N ILE A 271 18.69 5.15 26.69
CA ILE A 271 18.01 4.90 27.95
C ILE A 271 16.94 3.83 27.79
N SER A 272 16.24 3.81 26.65
CA SER A 272 15.30 2.72 26.40
C SER A 272 16.00 1.36 26.34
N SER A 273 17.23 1.34 25.80
CA SER A 273 18.02 0.11 25.79
C SER A 273 18.37 -0.35 27.18
N ILE A 274 18.73 0.60 28.06
CA ILE A 274 19.21 0.24 29.43
C ILE A 274 18.33 -0.83 30.08
N PRO A 275 17.00 -0.60 30.28
CA PRO A 275 16.16 -1.56 31.01
C PRO A 275 15.80 -2.81 30.20
N PHE A 276 16.69 -3.27 29.31
CA PHE A 276 16.36 -4.52 28.61
C PHE A 276 17.25 -5.67 29.09
N PHE A 277 18.53 -5.41 29.33
CA PHE A 277 19.44 -6.48 29.71
C PHE A 277 19.36 -6.76 31.21
N PHE A 278 18.15 -6.92 31.72
CA PHE A 278 17.94 -7.16 33.14
C PHE A 278 17.13 -8.44 33.36
N GLY A 324 10.05 -26.21 -0.28
CA GLY A 324 9.61 -25.67 0.98
C GLY A 324 9.32 -24.18 0.94
N PHE A 325 10.31 -23.37 1.34
CA PHE A 325 10.13 -21.93 1.35
C PHE A 325 9.94 -21.38 -0.06
N PHE A 326 10.75 -21.85 -1.02
CA PHE A 326 10.60 -21.37 -2.39
C PHE A 326 9.30 -21.84 -3.01
N GLN A 327 8.79 -23.00 -2.59
CA GLN A 327 7.47 -23.42 -3.05
C GLN A 327 6.38 -22.49 -2.55
N SER A 328 6.51 -22.05 -1.30
CA SER A 328 5.54 -21.05 -0.76
C SER A 328 5.72 -19.74 -1.54
N LEU A 329 6.96 -19.39 -1.85
CA LEU A 329 7.23 -18.18 -2.67
C LEU A 329 6.46 -18.28 -3.97
N LYS A 330 6.62 -19.40 -4.68
CA LYS A 330 5.91 -19.60 -5.99
C LYS A 330 4.41 -19.39 -5.79
N SER A 331 3.82 -20.06 -4.78
CA SER A 331 2.36 -19.96 -4.55
C SER A 331 1.96 -18.49 -4.38
N ILE A 332 2.71 -17.74 -3.56
CA ILE A 332 2.42 -16.30 -3.35
C ILE A 332 2.31 -15.62 -4.72
N LEU A 333 3.26 -15.89 -5.62
CA LEU A 333 3.27 -15.24 -6.95
C LEU A 333 2.16 -15.83 -7.84
N THR A 334 1.99 -17.16 -7.81
CA THR A 334 0.98 -17.82 -8.68
C THR A 334 -0.41 -17.26 -8.35
N ASN A 335 -0.52 -16.48 -7.28
CA ASN A 335 -1.83 -15.93 -6.89
C ASN A 335 -2.01 -14.58 -7.58
N PRO A 336 -2.90 -14.50 -8.58
CA PRO A 336 -3.02 -13.23 -9.31
C PRO A 336 -3.57 -12.09 -8.47
N LEU A 337 -4.50 -12.38 -7.56
CA LEU A 337 -5.02 -11.33 -6.69
C LEU A 337 -3.92 -10.79 -5.79
N TYR A 338 -3.09 -11.66 -5.23
CA TYR A 338 -2.00 -11.20 -4.38
C TYR A 338 -1.01 -10.35 -5.16
N VAL A 339 -0.69 -10.74 -6.40
CA VAL A 339 0.26 -9.97 -7.19
C VAL A 339 -0.32 -8.61 -7.55
N ILE A 340 -1.59 -8.57 -7.95
CA ILE A 340 -2.23 -7.29 -8.28
C ILE A 340 -2.26 -6.38 -7.07
N PHE A 341 -2.65 -6.92 -5.91
CA PHE A 341 -2.67 -6.12 -4.70
C PHE A 341 -1.28 -5.69 -4.27
N LEU A 342 -0.26 -6.51 -4.51
CA LEU A 342 1.10 -6.13 -4.18
C LEU A 342 1.55 -4.96 -5.04
N LEU A 343 1.30 -5.02 -6.34
CA LEU A 343 1.64 -3.89 -7.20
C LEU A 343 0.89 -2.63 -6.80
N LEU A 344 -0.40 -2.79 -6.46
CA LEU A 344 -1.22 -1.64 -6.08
C LEU A 344 -0.72 -0.99 -4.80
N THR A 345 -0.48 -1.80 -3.76
CA THR A 345 0.02 -1.27 -2.50
C THR A 345 1.41 -0.69 -2.68
N LEU A 346 2.23 -1.30 -3.54
CA LEU A 346 3.55 -0.74 -3.80
C LEU A 346 3.44 0.66 -4.41
N LEU A 347 2.57 0.82 -5.41
CA LEU A 347 2.40 2.13 -6.03
C LEU A 347 1.89 3.16 -5.02
N GLN A 348 0.88 2.79 -4.24
CA GLN A 348 0.29 3.73 -3.29
C GLN A 348 1.28 4.11 -2.19
N VAL A 349 1.99 3.13 -1.63
CA VAL A 349 2.95 3.41 -0.58
C VAL A 349 4.14 4.19 -1.12
N SER A 350 4.56 3.92 -2.35
CA SER A 350 5.63 4.71 -2.95
C SER A 350 5.21 6.17 -3.10
N SER A 351 3.97 6.40 -3.55
CA SER A 351 3.49 7.77 -3.64
C SER A 351 3.44 8.43 -2.26
N PHE A 352 2.96 7.70 -1.26
CA PHE A 352 2.88 8.25 0.09
C PHE A 352 4.26 8.62 0.62
N ILE A 353 5.24 7.73 0.41
CA ILE A 353 6.59 7.97 0.90
C ILE A 353 7.22 9.15 0.17
N GLY A 354 7.08 9.21 -1.15
CA GLY A 354 7.63 10.32 -1.89
C GLY A 354 6.96 11.65 -1.61
N SER A 355 5.71 11.63 -1.14
CA SER A 355 5.04 12.86 -0.77
C SER A 355 5.43 13.31 0.63
N PHE A 356 5.48 12.38 1.59
CA PHE A 356 5.82 12.74 2.96
C PHE A 356 7.30 13.05 3.12
N THR A 357 8.17 12.52 2.25
CA THR A 357 9.59 12.81 2.35
C THR A 357 9.88 14.27 2.05
N TYR A 358 9.20 14.84 1.06
CA TYR A 358 9.44 16.20 0.61
C TYR A 358 8.27 17.13 0.88
N VAL A 359 7.39 16.79 1.82
CA VAL A 359 6.27 17.68 2.12
C VAL A 359 6.75 18.94 2.82
N PHE A 360 7.69 18.81 3.76
CA PHE A 360 8.26 19.97 4.42
C PHE A 360 8.97 20.87 3.41
N LYS A 361 9.84 20.28 2.59
CA LYS A 361 10.59 21.05 1.61
C LYS A 361 9.65 21.69 0.59
N TYR A 362 8.64 20.95 0.14
CA TYR A 362 7.69 21.52 -0.82
C TYR A 362 6.93 22.69 -0.21
N MET A 363 6.49 22.56 1.04
CA MET A 363 5.78 23.66 1.67
C MET A 363 6.68 24.89 1.80
N GLU A 364 7.92 24.69 2.25
CA GLU A 364 8.83 25.82 2.41
C GLU A 364 9.12 26.51 1.07
N GLN A 365 9.37 25.72 0.02
CA GLN A 365 9.75 26.31 -1.26
C GLN A 365 8.56 26.77 -2.10
N GLN A 366 7.34 26.38 -1.73
CA GLN A 366 6.15 26.75 -2.47
C GLN A 366 5.39 27.91 -1.83
N TYR A 367 5.37 27.97 -0.50
CA TYR A 367 4.56 28.97 0.20
C TYR A 367 5.39 29.88 1.10
N GLY A 368 6.72 29.89 0.93
CA GLY A 368 7.57 30.79 1.66
C GLY A 368 7.51 30.65 3.16
N GLN A 369 7.58 29.41 3.66
CA GLN A 369 7.51 29.13 5.08
C GLN A 369 8.87 28.69 5.61
N SER A 370 9.13 29.03 6.87
CA SER A 370 10.37 28.62 7.50
C SER A 370 10.33 27.12 7.83
N ALA A 371 11.52 26.56 8.10
CA ALA A 371 11.60 25.15 8.42
C ALA A 371 10.90 24.83 9.73
N SER A 372 11.09 25.67 10.75
CA SER A 372 10.46 25.42 12.05
C SER A 372 8.94 25.50 11.95
N HIS A 373 8.44 26.53 11.27
CA HIS A 373 6.99 26.67 11.10
C HIS A 373 6.42 25.50 10.30
N ALA A 374 7.12 25.10 9.24
CA ALA A 374 6.66 23.96 8.45
C ALA A 374 6.62 22.69 9.28
N ASN A 375 7.66 22.44 10.08
CA ASN A 375 7.67 21.25 10.93
C ASN A 375 6.52 21.27 11.92
N PHE A 376 6.32 22.40 12.60
CA PHE A 376 5.25 22.48 13.60
C PHE A 376 3.89 22.30 12.98
N LEU A 377 3.65 22.94 11.83
CA LEU A 377 2.33 22.88 11.22
C LEU A 377 2.05 21.50 10.64
N LEU A 378 3.06 20.87 10.04
CA LEU A 378 2.87 19.51 9.55
C LEU A 378 2.68 18.53 10.69
N GLY A 379 3.34 18.75 11.83
CA GLY A 379 3.08 17.90 12.98
C GLY A 379 1.67 18.04 13.51
N ILE A 380 1.19 19.28 13.65
CA ILE A 380 -0.16 19.47 14.16
C ILE A 380 -1.19 18.98 13.14
N ILE A 381 -0.84 18.96 11.85
CA ILE A 381 -1.70 18.34 10.85
C ILE A 381 -1.72 16.82 10.98
N THR A 382 -0.56 16.19 11.17
CA THR A 382 -0.43 14.74 11.05
C THR A 382 -0.81 14.00 12.33
N ILE A 383 -0.37 14.47 13.50
CA ILE A 383 -0.49 13.72 14.74
C ILE A 383 -1.95 13.41 15.08
N PRO A 384 -2.82 14.42 15.27
CA PRO A 384 -4.21 14.08 15.64
C PRO A 384 -4.93 13.32 14.53
N THR A 385 -4.67 13.70 13.28
CA THR A 385 -5.34 13.03 12.13
C THR A 385 -4.96 11.55 12.11
N VAL A 386 -3.66 11.25 12.16
CA VAL A 386 -3.20 9.83 12.15
C VAL A 386 -3.80 9.11 13.37
N ALA A 387 -3.79 9.76 14.53
CA ALA A 387 -4.28 9.12 15.75
C ALA A 387 -5.76 8.76 15.61
N THR A 388 -6.56 9.61 14.99
CA THR A 388 -7.97 9.30 14.82
C THR A 388 -8.23 8.38 13.63
N GLY A 389 -7.42 8.45 12.58
CA GLY A 389 -7.60 7.57 11.44
C GLY A 389 -7.29 6.12 11.76
N MET A 390 -6.21 5.88 12.52
CA MET A 390 -5.83 4.48 12.87
C MET A 390 -7.02 3.81 13.57
N PHE A 391 -7.82 4.57 14.30
CA PHE A 391 -8.98 4.03 15.01
C PHE A 391 -10.23 3.98 14.13
N LEU A 392 -10.48 5.04 13.34
CA LEU A 392 -11.68 5.08 12.52
C LEU A 392 -11.67 4.00 11.45
N GLY A 393 -10.51 3.78 10.82
CA GLY A 393 -10.45 2.77 9.78
C GLY A 393 -10.72 1.37 10.29
N GLY A 394 -10.19 1.04 11.47
CA GLY A 394 -10.45 -0.26 12.06
C GLY A 394 -11.79 -0.37 12.76
N PHE A 395 -12.43 0.75 13.05
CA PHE A 395 -13.75 0.74 13.66
C PHE A 395 -14.87 0.67 12.62
N ILE A 396 -14.64 1.24 11.43
CA ILE A 396 -15.65 1.18 10.37
C ILE A 396 -15.91 -0.26 9.95
N ILE A 397 -14.85 -1.06 9.85
CA ILE A 397 -15.02 -2.45 9.43
C ILE A 397 -15.79 -3.25 10.47
N LYS A 398 -15.39 -3.11 11.75
CA LYS A 398 -16.02 -3.94 12.81
C LYS A 398 -17.43 -3.43 13.15
N LYS A 399 -17.73 -2.16 12.85
CA LYS A 399 -19.02 -1.61 13.23
C LYS A 399 -20.11 -1.93 12.22
N PHE A 400 -19.80 -1.83 10.92
CA PHE A 400 -20.75 -2.16 9.87
C PHE A 400 -20.58 -3.57 9.34
N LYS A 401 -19.66 -4.35 9.90
CA LYS A 401 -19.43 -5.74 9.52
C LYS A 401 -19.15 -5.85 8.02
N LEU A 402 -18.04 -5.25 7.61
CA LEU A 402 -17.64 -5.26 6.21
C LEU A 402 -17.10 -6.63 5.83
N SER A 403 -17.59 -7.18 4.71
CA SER A 403 -16.99 -8.38 4.14
C SER A 403 -15.69 -7.99 3.44
N LEU A 404 -14.98 -9.00 2.93
CA LEU A 404 -13.69 -8.73 2.29
C LEU A 404 -13.87 -7.82 1.09
N VAL A 405 -14.87 -8.09 0.26
CA VAL A 405 -15.17 -7.19 -0.86
C VAL A 405 -15.60 -5.83 -0.35
N GLY A 406 -16.32 -5.79 0.77
CA GLY A 406 -16.65 -4.52 1.38
C GLY A 406 -15.41 -3.76 1.83
N ILE A 407 -14.43 -4.47 2.40
CA ILE A 407 -13.19 -3.83 2.80
C ILE A 407 -12.46 -3.29 1.58
N ALA A 408 -12.45 -4.05 0.48
CA ALA A 408 -11.82 -3.60 -0.74
C ALA A 408 -12.49 -2.34 -1.28
N LYS A 409 -13.82 -2.30 -1.26
CA LYS A 409 -14.54 -1.12 -1.72
C LYS A 409 -14.28 0.07 -0.81
N PHE A 410 -14.22 -0.16 0.50
CA PHE A 410 -13.86 0.90 1.46
C PHE A 410 -12.51 1.52 1.11
N SER A 411 -11.49 0.67 0.94
CA SER A 411 -10.17 1.17 0.64
C SER A 411 -10.14 1.85 -0.73
N PHE A 412 -10.89 1.32 -1.70
CA PHE A 412 -10.95 1.93 -3.02
C PHE A 412 -11.57 3.33 -2.95
N LEU A 413 -12.63 3.49 -2.16
CA LEU A 413 -13.26 4.80 -2.03
C LEU A 413 -12.33 5.78 -1.33
N THR A 414 -11.63 5.33 -0.29
CA THR A 414 -10.67 6.21 0.37
C THR A 414 -9.56 6.64 -0.60
N SER A 415 -9.08 5.70 -1.42
CA SER A 415 -8.06 6.03 -2.41
C SER A 415 -8.58 7.00 -3.45
N MET A 416 -9.83 6.83 -3.88
CA MET A 416 -10.42 7.77 -4.84
C MET A 416 -10.52 9.17 -4.25
N ILE A 417 -10.99 9.28 -3.01
CA ILE A 417 -11.09 10.60 -2.38
C ILE A 417 -9.71 11.24 -2.24
N SER A 418 -8.71 10.45 -1.83
CA SER A 418 -7.36 10.97 -1.72
C SER A 418 -6.84 11.42 -3.07
N PHE A 419 -7.11 10.66 -4.13
CA PHE A 419 -6.67 11.03 -5.47
C PHE A 419 -7.32 12.32 -5.93
N LEU A 420 -8.61 12.49 -5.64
CA LEU A 420 -9.29 13.74 -6.00
C LEU A 420 -8.68 14.92 -5.25
N PHE A 421 -8.37 14.73 -3.97
CA PHE A 421 -7.72 15.81 -3.22
C PHE A 421 -6.32 16.12 -3.77
N GLN A 422 -5.58 15.09 -4.18
CA GLN A 422 -4.30 15.33 -4.84
C GLN A 422 -4.48 16.14 -6.11
N LEU A 423 -5.54 15.84 -6.87
CA LEU A 423 -5.86 16.65 -8.03
C LEU A 423 -6.16 18.09 -7.64
N LEU A 424 -6.78 18.28 -6.48
CA LEU A 424 -7.11 19.63 -6.01
C LEU A 424 -5.86 20.46 -5.71
N TYR A 425 -4.70 19.82 -5.53
CA TYR A 425 -3.48 20.58 -5.26
C TYR A 425 -3.01 21.36 -6.49
N PHE A 426 -3.37 20.91 -7.69
CA PHE A 426 -2.84 21.51 -8.90
C PHE A 426 -3.22 22.97 -9.06
N PRO A 427 -4.46 23.40 -8.86
CA PRO A 427 -4.75 24.85 -8.90
C PRO A 427 -4.06 25.63 -7.79
N LEU A 428 -3.62 24.97 -6.73
CA LEU A 428 -2.97 25.63 -5.59
C LEU A 428 -1.46 25.74 -5.80
N ILE A 429 -1.05 26.27 -6.95
CA ILE A 429 0.36 26.42 -7.27
C ILE A 429 0.63 27.91 -7.42
N CYS A 430 1.42 28.47 -6.50
CA CYS A 430 1.81 29.86 -6.60
C CYS A 430 2.79 30.04 -7.76
N GLU A 431 2.70 31.19 -8.41
CA GLU A 431 3.53 31.46 -9.57
C GLU A 431 4.98 31.68 -9.15
N SER A 432 5.87 31.60 -10.14
CA SER A 432 7.29 31.84 -9.88
C SER A 432 7.50 33.28 -9.40
N LYS A 433 8.31 33.44 -8.37
CA LYS A 433 8.57 34.76 -7.82
C LYS A 433 9.23 35.65 -8.86
N SER A 434 8.86 36.93 -8.86
CA SER A 434 9.44 37.88 -9.79
C SER A 434 10.88 38.19 -9.40
N VAL A 435 11.83 37.47 -9.99
CA VAL A 435 13.24 37.61 -9.70
C VAL A 435 13.94 38.11 -10.95
N ALA A 436 14.68 39.20 -10.81
CA ALA A 436 15.39 39.80 -11.94
C ALA A 436 16.68 39.03 -12.18
N GLY A 437 16.72 38.26 -13.26
CA GLY A 437 17.88 37.44 -13.57
C GLY A 437 17.51 36.00 -13.85
N LEU A 438 16.42 35.52 -13.24
CA LEU A 438 15.94 34.17 -13.45
C LEU A 438 14.59 34.15 -14.16
N THR A 439 13.59 34.84 -13.61
CA THR A 439 12.27 34.90 -14.22
C THR A 439 12.01 36.22 -14.93
N LEU A 440 12.93 37.19 -14.84
CA LEU A 440 12.80 38.47 -15.50
C LEU A 440 14.17 38.90 -15.99
N THR A 441 14.19 39.93 -16.82
CA THR A 441 15.46 40.55 -17.19
C THR A 441 16.04 41.26 -15.98
N TYR A 442 17.35 41.51 -16.03
CA TYR A 442 18.06 42.05 -14.87
C TYR A 442 17.50 43.38 -14.38
N ASP A 443 16.90 44.17 -15.27
CA ASP A 443 16.31 45.44 -14.87
C ASP A 443 14.87 45.28 -14.37
N GLY A 444 14.28 44.10 -14.59
CA GLY A 444 12.88 43.87 -14.18
C GLY A 444 11.91 44.40 -15.21
N ASN A 445 12.37 44.54 -16.47
CA ASN A 445 11.51 45.11 -17.54
C ASN A 445 10.78 43.97 -18.28
N ASN A 446 11.51 42.96 -18.73
CA ASN A 446 10.90 41.85 -19.52
C ASN A 446 10.99 40.55 -18.71
N SER A 447 10.29 39.50 -19.17
CA SER A 447 10.33 38.19 -18.46
C SER A 447 11.34 37.26 -19.15
N VAL A 448 11.47 36.01 -18.69
CA VAL A 448 12.53 35.11 -19.21
C VAL A 448 12.13 33.65 -18.91
N HIS A 451 16.18 30.77 -18.15
CA HIS A 451 16.69 31.27 -16.88
C HIS A 451 18.22 31.13 -16.82
N VAL A 452 18.79 30.55 -17.87
CA VAL A 452 20.24 30.35 -17.96
C VAL A 452 20.80 31.24 -19.05
N ASP A 453 22.03 31.68 -18.85
CA ASP A 453 22.73 32.57 -19.79
C ASP A 453 21.93 33.85 -20.05
N VAL A 454 21.29 34.36 -18.99
CA VAL A 454 20.51 35.60 -19.11
C VAL A 454 21.46 36.76 -19.38
N PRO A 455 21.22 37.58 -20.40
CA PRO A 455 22.16 38.67 -20.72
C PRO A 455 22.10 39.78 -19.70
N LEU A 456 23.13 40.63 -19.73
CA LEU A 456 23.25 41.76 -18.82
C LEU A 456 22.62 43.00 -19.44
N SER A 457 21.89 43.76 -18.62
CA SER A 457 21.30 45.03 -19.11
C SER A 457 22.36 46.13 -18.98
N TYR A 458 22.21 47.22 -19.73
CA TYR A 458 23.23 48.30 -19.71
C TYR A 458 23.38 48.82 -18.28
N CYS A 459 22.26 48.99 -17.58
CA CYS A 459 22.31 49.54 -16.18
C CYS A 459 23.08 48.58 -15.27
N ASN A 460 23.24 47.32 -15.69
CA ASN A 460 23.89 46.32 -14.80
C ASN A 460 25.24 45.87 -15.39
N SER A 461 25.46 46.06 -16.70
CA SER A 461 26.70 45.55 -17.28
C SER A 461 27.92 46.27 -16.72
N GLU A 462 27.81 47.59 -16.51
CA GLU A 462 28.96 48.36 -16.06
C GLU A 462 29.41 47.91 -14.67
N CYS A 463 28.44 47.63 -13.80
CA CYS A 463 28.78 47.10 -12.45
C CYS A 463 28.88 45.58 -12.53
N ASN A 464 29.97 45.07 -13.11
CA ASN A 464 30.13 43.61 -13.30
C ASN A 464 30.16 42.91 -11.94
N CYS A 465 29.60 41.68 -11.86
CA CYS A 465 29.61 40.90 -10.59
C CYS A 465 29.90 39.43 -10.92
N ASP A 466 30.29 38.63 -9.93
CA ASP A 466 30.64 37.20 -10.15
C ASP A 466 29.49 36.47 -10.85
N GLU A 467 28.37 37.16 -11.08
CA GLU A 467 27.16 36.54 -11.69
C GLU A 467 26.78 35.32 -10.85
N SER A 468 27.47 35.10 -9.73
CA SER A 468 27.14 33.97 -8.82
C SER A 468 27.19 34.46 -7.37
N GLN A 469 26.36 35.44 -7.02
CA GLN A 469 26.35 36.01 -5.65
C GLN A 469 24.94 35.90 -5.05
N TRP A 470 24.72 34.85 -4.26
CA TRP A 470 23.42 34.60 -3.64
C TRP A 470 23.23 35.55 -2.47
N GLU A 471 22.70 36.72 -2.81
CA GLU A 471 22.46 37.80 -1.81
C GLU A 471 21.00 38.28 -1.97
N PRO A 472 20.00 37.45 -1.60
CA PRO A 472 18.59 37.82 -1.80
C PRO A 472 18.27 39.23 -1.29
N VAL A 473 18.04 40.17 -2.21
CA VAL A 473 17.67 41.57 -1.83
C VAL A 473 16.64 42.07 -2.84
N CYS A 474 15.36 42.13 -2.45
CA CYS A 474 14.28 42.54 -3.40
C CYS A 474 14.12 44.06 -3.37
N GLY A 475 13.49 44.62 -4.41
CA GLY A 475 13.25 46.08 -4.46
C GLY A 475 11.81 46.42 -4.13
N ASN A 476 11.54 47.70 -3.82
CA ASN A 476 10.16 48.15 -3.51
C ASN A 476 9.28 47.89 -4.73
N ASN A 477 9.91 47.61 -5.88
CA ASN A 477 9.16 47.29 -7.12
C ASN A 477 8.50 45.92 -6.95
N GLY A 478 8.78 45.24 -5.83
CA GLY A 478 8.23 43.88 -5.60
C GLY A 478 9.05 42.86 -6.37
N ILE A 479 10.12 43.30 -7.01
CA ILE A 479 10.99 42.37 -7.82
C ILE A 479 12.22 42.00 -6.99
N THR A 480 12.41 40.71 -6.73
CA THR A 480 13.61 40.26 -6.03
C THR A 480 14.81 40.30 -6.96
N TYR A 481 15.96 40.71 -6.42
CA TYR A 481 17.20 40.77 -7.17
C TYR A 481 18.22 39.85 -6.54
N LEU A 482 19.15 39.34 -7.36
CA LEU A 482 20.05 38.28 -6.91
C LEU A 482 21.06 38.79 -5.88
N SER A 483 21.63 39.97 -6.11
CA SER A 483 22.64 40.51 -5.21
C SER A 483 22.64 42.02 -5.34
N PRO A 484 23.12 42.74 -4.31
CA PRO A 484 23.19 44.20 -4.42
C PRO A 484 24.02 44.69 -5.59
N CYS A 485 25.11 43.99 -5.92
CA CYS A 485 25.87 44.33 -7.11
C CYS A 485 25.03 44.10 -8.36
N LEU A 486 24.36 42.96 -8.44
CA LEU A 486 23.53 42.66 -9.59
C LEU A 486 22.26 43.50 -9.63
N ALA A 487 21.88 44.11 -8.51
CA ALA A 487 20.75 45.04 -8.50
C ALA A 487 21.16 46.45 -8.91
N GLY A 488 22.46 46.73 -8.99
CA GLY A 488 22.94 48.07 -9.28
C GLY A 488 23.05 48.98 -8.09
N CYS A 489 22.82 48.47 -6.88
CA CYS A 489 22.92 49.29 -5.68
C CYS A 489 24.36 49.71 -5.42
N LYS A 490 24.51 50.91 -4.87
CA LYS A 490 25.83 51.51 -4.68
C LYS A 490 26.13 51.88 -3.23
N SER A 491 25.12 52.05 -2.39
CA SER A 491 25.32 52.40 -0.99
C SER A 491 24.46 51.51 -0.12
N SER A 492 24.91 51.29 1.12
CA SER A 492 24.21 50.44 2.07
C SER A 492 24.06 51.15 3.40
N SER A 493 22.91 50.97 4.04
CA SER A 493 22.66 51.61 5.33
C SER A 493 23.54 51.01 6.42
N GLY A 494 23.62 49.68 6.47
CA GLY A 494 24.41 49.01 7.49
C GLY A 494 25.22 47.84 6.95
N HIS A 498 18.24 45.00 9.69
CA HIS A 498 17.73 46.11 8.91
C HIS A 498 18.83 46.74 8.07
N THR A 499 18.81 46.45 6.76
CA THR A 499 19.76 47.02 5.81
C THR A 499 19.00 47.57 4.63
N VAL A 500 19.30 48.81 4.24
CA VAL A 500 18.64 49.49 3.15
C VAL A 500 19.69 50.00 2.17
N PHE A 501 19.45 49.82 0.88
CA PHE A 501 20.36 50.25 -0.17
C PHE A 501 19.81 51.47 -0.88
N TYR A 502 20.69 52.17 -1.58
CA TYR A 502 20.34 53.43 -2.23
C TYR A 502 20.91 53.46 -3.64
N ASN A 503 20.26 54.24 -4.51
CA ASN A 503 20.70 54.48 -5.88
C ASN A 503 20.89 53.18 -6.65
N CYS A 504 19.96 52.25 -6.48
CA CYS A 504 19.97 50.99 -7.22
C CYS A 504 19.43 51.27 -8.61
N SER A 505 20.31 51.24 -9.61
CA SER A 505 19.95 51.68 -10.95
C SER A 505 18.91 50.77 -11.59
N CYS A 506 19.08 49.47 -11.47
CA CYS A 506 18.21 48.51 -12.15
C CYS A 506 17.02 48.07 -11.29
N VAL A 507 16.87 48.66 -10.12
CA VAL A 507 15.77 48.33 -9.23
C VAL A 507 14.51 49.13 -9.59
N GLU A 508 14.70 50.20 -10.36
CA GLU A 508 13.59 51.05 -10.77
C GLU A 508 12.88 50.48 -11.99
N SER A 518 15.49 52.35 -3.68
CA SER A 518 15.69 51.80 -2.36
C SER A 518 15.38 50.32 -2.34
N ALA A 519 16.22 49.55 -1.63
CA ALA A 519 16.07 48.11 -1.53
C ALA A 519 15.98 47.70 -0.06
N HIS A 520 15.95 46.40 0.18
CA HIS A 520 15.90 45.84 1.53
C HIS A 520 16.51 44.45 1.49
N LEU A 521 17.42 44.18 2.44
CA LEU A 521 18.23 42.97 2.37
C LEU A 521 17.37 41.70 2.35
N GLY A 522 16.26 41.69 3.06
CA GLY A 522 15.35 40.56 2.97
C GLY A 522 14.69 40.49 1.61
N GLU A 523 14.70 39.30 1.01
CA GLU A 523 14.08 39.13 -0.33
C GLU A 523 12.55 39.29 -0.20
N CYS A 524 11.91 39.85 -1.23
CA CYS A 524 10.44 40.10 -1.17
C CYS A 524 9.73 38.80 -0.82
N PRO A 525 8.82 38.78 0.18
CA PRO A 525 8.17 37.55 0.61
C PRO A 525 7.03 37.12 -0.33
N ARG A 526 6.25 36.10 0.02
CA ARG A 526 5.10 35.61 -0.72
C ARG A 526 3.92 36.59 -0.60
N ASP A 527 2.96 36.43 -1.65
CA ASP A 527 1.83 37.39 -1.81
C ASP A 527 0.60 36.84 -1.08
N ASN A 528 -0.34 37.71 -0.72
CA ASN A 528 -1.57 37.27 -0.01
C ASN A 528 -2.19 36.08 -0.75
N THR A 529 -2.24 36.14 -2.09
CA THR A 529 -2.87 35.05 -2.84
C THR A 529 -2.19 33.72 -2.55
N CYS A 530 -0.86 33.71 -2.49
CA CYS A 530 -0.15 32.50 -2.10
C CYS A 530 -0.46 32.13 -0.65
N THR A 531 -0.76 33.11 0.19
CA THR A 531 -1.12 32.80 1.58
C THR A 531 -2.48 32.10 1.64
N ARG A 532 -3.46 32.58 0.88
CA ARG A 532 -4.76 31.91 0.84
C ARG A 532 -4.63 30.52 0.22
N LYS A 533 -3.79 30.38 -0.81
CA LYS A 533 -3.54 29.06 -1.37
C LYS A 533 -2.88 28.15 -0.34
N PHE A 534 -2.01 28.69 0.49
CA PHE A 534 -1.37 27.91 1.55
C PHE A 534 -2.38 27.46 2.59
N PHE A 535 -3.34 28.32 2.95
CA PHE A 535 -4.38 27.91 3.88
C PHE A 535 -5.24 26.79 3.30
N ILE A 536 -5.63 26.91 2.04
CA ILE A 536 -6.40 25.85 1.39
C ILE A 536 -5.59 24.57 1.33
N TYR A 537 -4.29 24.70 1.05
CA TYR A 537 -3.39 23.54 1.02
C TYR A 537 -3.34 22.86 2.38
N VAL A 538 -3.28 23.63 3.45
CA VAL A 538 -3.24 23.05 4.80
C VAL A 538 -4.53 22.28 5.08
N ALA A 539 -5.68 22.87 4.73
CA ALA A 539 -6.95 22.18 4.97
C ALA A 539 -7.03 20.87 4.18
N ILE A 540 -6.72 20.93 2.89
CA ILE A 540 -6.76 19.73 2.06
C ILE A 540 -5.74 18.71 2.55
N GLN A 541 -4.60 19.17 3.07
CA GLN A 541 -3.62 18.26 3.64
C GLN A 541 -4.19 17.52 4.85
N VAL A 542 -4.92 18.22 5.71
CA VAL A 542 -5.55 17.56 6.86
C VAL A 542 -6.50 16.47 6.37
N ILE A 543 -7.37 16.81 5.42
CA ILE A 543 -8.35 15.83 4.94
C ILE A 543 -7.66 14.64 4.27
N ASN A 544 -6.67 14.91 3.43
CA ASN A 544 -5.92 13.85 2.76
C ASN A 544 -5.22 12.94 3.75
N SER A 545 -4.62 13.52 4.79
CA SER A 545 -3.93 12.69 5.78
C SER A 545 -4.93 11.78 6.50
N LEU A 546 -6.11 12.31 6.84
CA LEU A 546 -7.12 11.47 7.48
C LEU A 546 -7.55 10.32 6.57
N PHE A 547 -7.87 10.64 5.31
CA PHE A 547 -8.33 9.60 4.36
C PHE A 547 -7.23 8.54 4.18
N SER A 548 -5.97 8.96 4.15
CA SER A 548 -4.85 8.01 3.93
C SER A 548 -4.86 6.93 5.00
N ALA A 549 -5.01 7.32 6.27
CA ALA A 549 -4.99 6.34 7.38
C ALA A 549 -6.11 5.31 7.21
N THR A 550 -7.32 5.79 6.91
CA THR A 550 -8.48 4.87 6.77
C THR A 550 -8.22 3.88 5.62
N GLY A 551 -7.64 4.35 4.52
CA GLY A 551 -7.32 3.48 3.38
C GLY A 551 -6.22 2.49 3.72
N GLY A 552 -5.19 2.94 4.45
CA GLY A 552 -4.04 2.07 4.76
C GLY A 552 -4.40 0.89 5.64
N THR A 553 -5.13 1.14 6.74
CA THR A 553 -5.47 0.05 7.70
C THR A 553 -6.07 -1.15 6.95
N THR A 554 -6.91 -0.89 5.94
CA THR A 554 -7.59 -1.98 5.20
C THR A 554 -6.58 -2.78 4.37
N PHE A 555 -5.63 -2.09 3.73
CA PHE A 555 -4.65 -2.76 2.83
C PHE A 555 -4.17 -4.08 3.44
N ILE A 556 -3.48 -4.02 4.58
CA ILE A 556 -2.92 -5.25 5.20
C ILE A 556 -4.03 -6.28 5.41
N LEU A 557 -5.22 -5.82 5.82
CA LEU A 557 -6.36 -6.75 6.05
C LEU A 557 -6.87 -7.27 4.72
N LEU A 558 -6.49 -6.61 3.61
CA LEU A 558 -6.96 -7.02 2.27
C LEU A 558 -5.82 -7.68 1.49
N THR A 559 -4.85 -8.27 2.19
CA THR A 559 -3.72 -8.96 1.53
C THR A 559 -3.47 -10.33 2.19
N VAL A 560 -3.98 -10.53 3.40
CA VAL A 560 -3.78 -11.82 4.13
C VAL A 560 -5.04 -12.68 3.98
N LYS A 561 -6.21 -12.07 4.11
CA LYS A 561 -7.47 -12.80 3.93
C LYS A 561 -7.57 -13.42 2.55
N ILE A 562 -6.68 -12.98 1.65
CA ILE A 562 -6.66 -13.53 0.27
C ILE A 562 -5.53 -14.56 0.18
N VAL A 563 -4.97 -14.95 1.33
CA VAL A 563 -3.88 -15.96 1.37
C VAL A 563 -4.24 -17.02 2.42
N GLN A 564 -3.73 -18.25 2.26
CA GLN A 564 -4.02 -19.33 3.22
C GLN A 564 -3.61 -18.88 4.63
N PRO A 565 -4.37 -19.24 5.69
CA PRO A 565 -3.99 -18.89 7.07
C PRO A 565 -2.60 -19.36 7.47
N GLU A 566 -2.17 -20.53 7.00
CA GLU A 566 -0.84 -21.04 7.33
C GLU A 566 0.27 -20.36 6.54
N LEU A 567 -0.08 -19.50 5.59
CA LEU A 567 0.90 -18.83 4.75
C LEU A 567 0.86 -17.32 4.91
N LYS A 568 0.08 -16.81 5.87
CA LYS A 568 -0.07 -15.36 6.02
C LYS A 568 1.23 -14.69 6.45
N ALA A 569 2.06 -15.38 7.25
CA ALA A 569 3.30 -14.78 7.71
C ALA A 569 4.23 -14.47 6.54
N LEU A 570 4.39 -15.42 5.62
CA LEU A 570 5.25 -15.19 4.47
C LEU A 570 4.66 -14.13 3.56
N ALA A 571 3.33 -14.08 3.43
CA ALA A 571 2.71 -13.03 2.62
C ALA A 571 3.01 -11.66 3.20
N MET A 572 2.84 -11.50 4.51
CA MET A 572 3.15 -10.23 5.15
C MET A 572 4.62 -9.87 4.99
N GLY A 573 5.51 -10.85 5.17
CA GLY A 573 6.93 -10.57 5.07
C GLY A 573 7.36 -10.16 3.68
N PHE A 574 6.88 -10.88 2.66
CA PHE A 574 7.23 -10.52 1.29
C PHE A 574 6.65 -9.17 0.90
N GLN A 575 5.40 -8.90 1.30
CA GLN A 575 4.82 -7.60 1.04
C GLN A 575 5.63 -6.50 1.72
N SER A 576 6.08 -6.75 2.95
CA SER A 576 6.90 -5.78 3.66
C SER A 576 8.22 -5.53 2.93
N MET A 577 8.90 -6.60 2.50
CA MET A 577 10.16 -6.41 1.79
C MET A 577 9.95 -5.60 0.52
N VAL A 578 8.93 -5.96 -0.27
CA VAL A 578 8.69 -5.27 -1.53
C VAL A 578 8.39 -3.80 -1.29
N ILE A 579 7.43 -3.51 -0.40
CA ILE A 579 7.05 -2.12 -0.19
C ILE A 579 8.19 -1.33 0.42
N ARG A 580 8.82 -1.82 1.48
CA ARG A 580 9.92 -1.09 2.10
C ARG A 580 11.09 -0.85 1.15
N THR A 581 11.61 -1.89 0.49
CA THR A 581 12.65 -1.66 -0.50
C THR A 581 12.21 -0.68 -1.58
N LEU A 582 11.25 -1.10 -2.41
CA LEU A 582 10.94 -0.36 -3.64
C LEU A 582 10.35 1.02 -3.37
N GLY A 583 9.81 1.28 -2.19
CA GLY A 583 9.40 2.63 -1.88
C GLY A 583 10.43 3.42 -1.11
N GLY A 584 10.86 2.92 0.05
CA GLY A 584 11.73 3.71 0.90
C GLY A 584 13.08 4.01 0.28
N ILE A 585 13.64 3.05 -0.46
CA ILE A 585 14.96 3.23 -1.04
C ILE A 585 14.90 4.00 -2.35
N LEU A 586 13.81 3.86 -3.10
CA LEU A 586 13.79 4.45 -4.44
C LEU A 586 13.00 5.74 -4.51
N ALA A 587 11.77 5.78 -3.97
CA ALA A 587 10.91 6.93 -4.14
C ALA A 587 11.56 8.25 -3.71
N PRO A 588 12.24 8.33 -2.55
CA PRO A 588 12.98 9.56 -2.27
C PRO A 588 14.00 9.91 -3.33
N ILE A 589 14.71 8.92 -3.88
CA ILE A 589 15.79 9.22 -4.83
C ILE A 589 15.22 9.78 -6.13
N TYR A 590 14.24 9.10 -6.72
CA TYR A 590 13.75 9.59 -8.01
C TYR A 590 12.74 10.73 -7.86
N PHE A 591 12.22 10.98 -6.66
CA PHE A 591 11.52 12.23 -6.42
C PHE A 591 12.51 13.39 -6.34
N GLY A 592 13.61 13.21 -5.61
CA GLY A 592 14.62 14.24 -5.51
C GLY A 592 15.30 14.55 -6.82
N ALA A 593 15.48 13.55 -7.68
CA ALA A 593 16.09 13.80 -8.98
C ALA A 593 15.25 14.77 -9.80
N LEU A 594 13.94 14.54 -9.87
CA LEU A 594 13.06 15.46 -10.58
C LEU A 594 12.99 16.82 -9.90
N ILE A 595 13.01 16.83 -8.56
CA ILE A 595 12.99 18.09 -7.83
C ILE A 595 14.22 18.93 -8.19
N ASP A 596 15.40 18.29 -8.24
CA ASP A 596 16.59 18.98 -8.72
C ASP A 596 16.43 19.43 -10.16
N LYS A 597 15.78 18.62 -10.99
CA LYS A 597 15.50 19.02 -12.36
C LYS A 597 14.67 20.31 -12.40
N THR A 598 13.86 20.54 -11.38
CA THR A 598 13.05 21.75 -11.30
C THR A 598 13.78 22.93 -10.69
N CYS A 599 15.00 22.75 -10.22
CA CYS A 599 15.72 23.85 -9.55
C CYS A 599 16.12 24.92 -10.55
N MET A 600 16.23 26.16 -10.07
CA MET A 600 16.52 27.30 -10.91
C MET A 600 17.79 28.06 -10.52
N LYS A 601 18.27 27.93 -9.29
CA LYS A 601 19.50 28.60 -8.85
C LYS A 601 20.22 27.69 -7.87
N TRP A 602 21.47 27.36 -8.19
CA TRP A 602 22.29 26.47 -7.38
C TRP A 602 23.34 27.25 -6.62
N SER A 603 23.80 26.70 -5.51
CA SER A 603 24.86 27.29 -4.73
C SER A 603 26.21 26.74 -5.17
N THR A 604 27.27 27.45 -4.80
CA THR A 604 28.66 27.07 -5.10
C THR A 604 28.86 26.84 -6.60
N GLN A 610 27.72 22.26 -8.32
CA GLN A 610 26.45 22.64 -7.74
C GLN A 610 26.34 22.17 -6.29
N GLY A 611 25.78 23.03 -5.44
CA GLY A 611 25.56 22.69 -4.05
C GLY A 611 24.09 22.49 -3.74
N ALA A 612 23.56 23.31 -2.83
CA ALA A 612 22.15 23.27 -2.49
C ALA A 612 21.38 24.27 -3.36
N CYS A 613 20.18 23.87 -3.77
CA CYS A 613 19.36 24.74 -4.60
C CYS A 613 18.94 25.99 -3.84
N ARG A 614 19.01 27.14 -4.50
CA ARG A 614 18.66 28.42 -3.90
C ARG A 614 17.23 28.84 -4.21
N ILE A 615 16.87 28.91 -5.49
CA ILE A 615 15.51 29.23 -5.91
C ILE A 615 14.98 28.08 -6.74
N TYR A 616 13.79 27.60 -6.39
CA TYR A 616 13.10 26.56 -7.14
C TYR A 616 12.04 27.20 -8.03
N ASN A 617 11.92 26.68 -9.24
CA ASN A 617 10.85 27.12 -10.15
C ASN A 617 9.53 26.62 -9.57
N SER A 618 8.77 27.54 -8.97
CA SER A 618 7.62 27.14 -8.16
C SER A 618 6.58 26.41 -8.99
N VAL A 619 6.31 26.91 -10.20
CA VAL A 619 5.36 26.24 -11.08
C VAL A 619 5.87 24.85 -11.46
N PHE A 620 7.13 24.77 -11.91
CA PHE A 620 7.72 23.49 -12.26
C PHE A 620 7.81 22.58 -11.04
N PHE A 621 8.19 23.13 -9.89
CA PHE A 621 8.28 22.34 -8.67
C PHE A 621 6.94 21.70 -8.33
N GLY A 622 5.88 22.51 -8.30
CA GLY A 622 4.57 21.98 -7.99
C GLY A 622 4.11 20.97 -9.02
N ARG A 623 4.31 21.27 -10.31
CA ARG A 623 3.86 20.37 -11.36
C ARG A 623 4.53 19.01 -11.23
N VAL A 624 5.84 18.99 -11.04
CA VAL A 624 6.55 17.71 -10.92
C VAL A 624 6.13 16.99 -9.64
N TYR A 625 6.14 17.71 -8.51
CA TYR A 625 5.91 17.09 -7.21
C TYR A 625 4.51 16.51 -7.11
N LEU A 626 3.54 17.10 -7.81
CA LEU A 626 2.18 16.56 -7.78
C LEU A 626 1.91 15.58 -8.92
N GLY A 627 2.50 15.80 -10.10
CA GLY A 627 2.30 14.89 -11.20
C GLY A 627 2.92 13.53 -10.97
N LEU A 628 4.05 13.47 -10.27
CA LEU A 628 4.63 12.16 -9.96
C LEU A 628 3.68 11.36 -9.07
N SER A 629 3.12 12.00 -8.04
CA SER A 629 2.16 11.31 -7.19
C SER A 629 0.90 10.92 -7.96
N ILE A 630 0.44 11.79 -8.87
CA ILE A 630 -0.75 11.46 -9.66
C ILE A 630 -0.48 10.26 -10.55
N ALA A 631 0.68 10.23 -11.21
CA ALA A 631 1.03 9.13 -12.08
C ALA A 631 1.34 7.86 -11.31
N LEU A 632 1.66 7.96 -10.02
CA LEU A 632 1.79 6.77 -9.19
C LEU A 632 0.46 6.29 -8.64
N ARG A 633 -0.53 7.17 -8.51
CA ARG A 633 -1.82 6.80 -7.93
C ARG A 633 -2.84 6.36 -8.95
N PHE A 634 -2.82 6.89 -10.17
CA PHE A 634 -3.82 6.53 -11.17
C PHE A 634 -3.75 5.06 -11.58
N PRO A 635 -2.58 4.49 -11.93
CA PRO A 635 -2.54 3.05 -12.19
C PRO A 635 -2.94 2.22 -10.98
N ALA A 636 -2.71 2.72 -9.77
CA ALA A 636 -3.21 2.04 -8.59
C ALA A 636 -4.73 1.99 -8.59
N LEU A 637 -5.39 3.07 -9.01
CA LEU A 637 -6.84 3.07 -9.09
C LEU A 637 -7.34 2.10 -10.17
N VAL A 638 -6.69 2.07 -11.32
CA VAL A 638 -7.12 1.16 -12.40
C VAL A 638 -7.02 -0.31 -12.00
N LEU A 639 -6.04 -0.59 -11.16
CA LEU A 639 -5.71 -1.93 -10.61
C LEU A 639 -6.74 -2.29 -9.54
N TYR A 640 -7.15 -1.30 -8.73
CA TYR A 640 -8.18 -1.52 -7.69
C TYR A 640 -9.46 -2.05 -8.35
N ILE A 641 -9.96 -1.32 -9.35
CA ILE A 641 -11.21 -1.74 -10.05
C ILE A 641 -10.99 -3.14 -10.61
N VAL A 642 -9.86 -3.37 -11.28
CA VAL A 642 -9.53 -4.73 -11.79
C VAL A 642 -9.64 -5.70 -10.62
N PHE A 643 -9.03 -5.34 -9.47
CA PHE A 643 -9.08 -6.21 -8.30
C PHE A 643 -10.52 -6.45 -7.84
N ILE A 644 -11.32 -5.38 -7.80
CA ILE A 644 -12.73 -5.52 -7.42
C ILE A 644 -13.48 -6.37 -8.43
N PHE A 645 -13.24 -6.11 -9.72
CA PHE A 645 -13.83 -6.93 -10.78
C PHE A 645 -13.51 -8.41 -10.59
N ALA A 646 -12.25 -8.71 -10.29
CA ALA A 646 -11.83 -10.13 -10.18
C ALA A 646 -12.24 -10.72 -8.82
N MET A 647 -12.04 -9.97 -7.74
CA MET A 647 -12.31 -10.50 -6.37
C MET A 647 -13.78 -10.89 -6.23
N LYS A 648 -14.70 -10.08 -6.76
CA LYS A 648 -16.16 -10.34 -6.59
C LYS A 648 -16.52 -11.73 -7.13
N LYS A 649 -16.29 -11.97 -8.43
CA LYS A 649 -16.69 -13.22 -9.03
C LYS A 649 -16.15 -14.44 -8.31
N LYS A 650 -15.26 -14.26 -7.34
CA LYS A 650 -14.66 -15.38 -6.65
C LYS A 650 -15.67 -16.04 -5.72
N PHE A 651 -15.38 -17.28 -5.35
CA PHE A 651 -16.15 -17.99 -4.34
C PHE A 651 -15.62 -17.64 -2.95
N GLN A 652 -16.51 -17.23 -2.06
CA GLN A 652 -16.17 -16.90 -0.69
C GLN A 652 -17.02 -17.72 0.25
N GLY A 653 -16.39 -18.37 1.23
CA GLY A 653 -17.12 -19.18 2.18
C GLY A 653 -17.78 -18.38 3.29
N GLU B 4 -6.41 -28.32 -21.08
CA GLU B 4 -5.82 -29.50 -20.49
C GLU B 4 -6.21 -29.62 -19.02
N VAL B 5 -7.42 -29.16 -18.69
CA VAL B 5 -7.89 -29.17 -17.31
C VAL B 5 -8.27 -30.59 -16.92
N GLN B 6 -7.70 -31.09 -15.83
CA GLN B 6 -7.99 -32.42 -15.33
C GLN B 6 -8.27 -32.35 -13.83
N LEU B 7 -9.08 -33.30 -13.36
CA LEU B 7 -9.43 -33.39 -11.93
C LEU B 7 -9.54 -34.87 -11.60
N VAL B 8 -8.53 -35.40 -10.93
CA VAL B 8 -8.45 -36.83 -10.61
C VAL B 8 -8.70 -36.99 -9.12
N GLU B 9 -9.68 -37.84 -8.79
CA GLU B 9 -10.00 -38.14 -7.40
C GLU B 9 -9.51 -39.54 -7.05
N SER B 10 -8.94 -39.68 -5.85
CA SER B 10 -8.46 -40.96 -5.36
C SER B 10 -8.67 -41.04 -3.87
N GLY B 11 -8.93 -42.25 -3.37
CA GLY B 11 -9.10 -42.45 -1.95
C GLY B 11 -10.38 -43.19 -1.58
N GLY B 12 -11.01 -43.83 -2.56
CA GLY B 12 -12.25 -44.54 -2.31
C GLY B 12 -12.05 -45.99 -1.89
N GLY B 13 -12.38 -46.31 -0.65
CA GLY B 13 -12.23 -47.66 -0.15
C GLY B 13 -13.29 -47.99 0.89
N LEU B 14 -13.48 -49.29 1.10
CA LEU B 14 -14.48 -49.75 2.06
C LEU B 14 -14.07 -49.38 3.48
N VAL B 15 -15.03 -48.88 4.25
CA VAL B 15 -14.81 -48.44 5.62
C VAL B 15 -15.91 -49.02 6.51
N GLN B 16 -15.55 -49.40 7.72
CA GLN B 16 -16.52 -49.91 8.69
C GLN B 16 -17.55 -48.84 9.04
N GLY B 19 -16.08 -44.28 11.40
CA GLY B 19 -15.19 -44.52 10.24
C GLY B 19 -14.60 -43.22 9.72
N SER B 20 -13.43 -43.30 9.08
CA SER B 20 -12.77 -42.09 8.53
C SER B 20 -12.16 -42.40 7.15
N LEU B 21 -11.94 -41.37 6.33
CA LEU B 21 -11.37 -41.57 4.97
C LEU B 21 -10.87 -40.22 4.45
N ARG B 22 -9.69 -40.21 3.80
CA ARG B 22 -9.14 -38.95 3.31
C ARG B 22 -9.09 -39.06 1.79
N LEU B 23 -9.86 -38.20 1.11
CA LEU B 23 -9.93 -38.31 -0.38
C LEU B 23 -9.31 -37.05 -1.01
N SER B 24 -8.72 -37.21 -2.20
CA SER B 24 -7.91 -36.14 -2.82
C SER B 24 -8.45 -35.81 -4.21
N CYS B 25 -8.26 -34.56 -4.66
CA CYS B 25 -8.71 -34.16 -6.00
C CYS B 25 -7.53 -33.43 -6.64
N ALA B 26 -6.65 -34.20 -7.28
CA ALA B 26 -5.50 -33.62 -7.94
C ALA B 26 -5.91 -32.87 -9.19
N ALA B 27 -5.42 -31.65 -9.33
CA ALA B 27 -5.81 -30.77 -10.43
C ALA B 27 -4.61 -30.50 -11.33
N SER B 28 -4.91 -30.08 -12.56
CA SER B 28 -3.88 -29.77 -13.54
C SER B 28 -4.49 -28.92 -14.64
N GLY B 29 -3.62 -28.26 -15.41
CA GLY B 29 -4.04 -27.52 -16.58
C GLY B 29 -4.57 -26.13 -16.32
N PHE B 30 -4.53 -25.64 -15.09
CA PHE B 30 -4.99 -24.30 -14.78
C PHE B 30 -4.28 -23.77 -13.55
N ASN B 31 -4.27 -22.45 -13.41
CA ASN B 31 -3.70 -21.80 -12.25
C ASN B 31 -4.54 -22.15 -11.03
N PHE B 32 -3.98 -22.96 -10.13
CA PHE B 32 -4.74 -23.43 -8.97
C PHE B 32 -5.15 -22.29 -8.06
N SER B 33 -4.35 -21.23 -7.99
CA SER B 33 -4.60 -20.16 -7.02
C SER B 33 -5.94 -19.47 -7.27
N SER B 34 -6.26 -19.18 -8.54
CA SER B 34 -7.51 -18.52 -8.87
C SER B 34 -8.57 -19.57 -9.24
N SER B 35 -8.91 -20.38 -8.25
CA SER B 35 -9.85 -21.47 -8.47
C SER B 35 -10.43 -21.91 -7.12
N SER B 36 -11.43 -22.78 -7.20
CA SER B 36 -12.07 -23.35 -6.03
C SER B 36 -12.44 -24.80 -6.32
N ILE B 37 -12.53 -25.59 -5.26
CA ILE B 37 -12.80 -27.02 -5.38
C ILE B 37 -14.05 -27.35 -4.57
N HIS B 38 -14.98 -28.08 -5.20
CA HIS B 38 -16.25 -28.45 -4.58
C HIS B 38 -16.45 -29.95 -4.70
N TRP B 39 -16.96 -30.56 -3.63
CA TRP B 39 -17.24 -31.98 -3.60
C TRP B 39 -18.74 -32.20 -3.77
N VAL B 40 -19.10 -33.16 -4.63
CA VAL B 40 -20.50 -33.51 -4.88
C VAL B 40 -20.69 -34.98 -4.59
N ARG B 41 -21.73 -35.30 -3.81
CA ARG B 41 -22.04 -36.67 -3.45
C ARG B 41 -23.20 -37.18 -4.31
N GLN B 42 -23.06 -38.41 -4.80
CA GLN B 42 -24.09 -39.05 -5.61
C GLN B 42 -24.31 -40.46 -5.08
N ALA B 43 -25.37 -40.65 -4.30
CA ALA B 43 -25.72 -41.98 -3.84
C ALA B 43 -26.12 -42.85 -5.02
N PRO B 44 -25.87 -44.17 -4.95
CA PRO B 44 -26.22 -45.06 -6.06
C PRO B 44 -27.71 -45.02 -6.38
N GLY B 45 -28.04 -44.52 -7.57
CA GLY B 45 -29.42 -44.36 -7.98
C GLY B 45 -30.05 -43.03 -7.59
N LYS B 46 -29.35 -42.20 -6.82
CA LYS B 46 -29.88 -40.92 -6.38
C LYS B 46 -29.26 -39.78 -7.19
N GLY B 47 -29.66 -38.56 -6.85
CA GLY B 47 -29.17 -37.38 -7.54
C GLY B 47 -27.94 -36.78 -6.90
N LEU B 48 -27.44 -35.73 -7.54
CA LEU B 48 -26.24 -35.04 -7.06
C LEU B 48 -26.53 -34.29 -5.77
N GLU B 49 -25.54 -34.27 -4.89
CA GLU B 49 -25.65 -33.58 -3.60
C GLU B 49 -24.33 -32.93 -3.26
N TRP B 50 -24.36 -31.64 -2.96
CA TRP B 50 -23.15 -30.89 -2.64
C TRP B 50 -22.69 -31.20 -1.22
N VAL B 51 -21.39 -31.39 -1.06
CA VAL B 51 -20.82 -31.85 0.21
C VAL B 51 -20.06 -30.71 0.88
N ALA B 52 -19.01 -30.22 0.22
CA ALA B 52 -18.18 -29.18 0.79
C ALA B 52 -17.48 -28.42 -0.32
N SER B 53 -17.00 -27.22 0.00
CA SER B 53 -16.31 -26.38 -0.96
C SER B 53 -15.20 -25.62 -0.25
N ILE B 54 -14.20 -25.22 -1.02
CA ILE B 54 -13.06 -24.47 -0.48
C ILE B 54 -12.52 -23.58 -1.59
N SER B 55 -12.01 -22.42 -1.20
CA SER B 55 -11.28 -21.54 -2.10
C SER B 55 -9.80 -21.85 -2.01
N SER B 56 -9.12 -21.76 -3.15
CA SER B 56 -7.68 -22.05 -3.21
C SER B 56 -6.82 -20.83 -2.93
N SER B 57 -7.28 -19.63 -3.29
CA SER B 57 -6.51 -18.42 -3.01
C SER B 57 -6.39 -18.18 -1.51
N SER B 58 -7.39 -18.58 -0.74
CA SER B 58 -7.38 -18.36 0.71
C SER B 58 -7.83 -19.61 1.44
N GLY B 59 -8.11 -19.48 2.74
CA GLY B 59 -8.62 -20.57 3.53
C GLY B 59 -10.14 -20.65 3.60
N SER B 60 -10.84 -19.90 2.74
CA SER B 60 -12.29 -19.85 2.77
C SER B 60 -12.90 -21.19 2.38
N THR B 61 -13.80 -21.69 3.24
CA THR B 61 -14.47 -22.96 3.00
C THR B 61 -15.96 -22.80 3.20
N SER B 62 -16.73 -23.68 2.55
CA SER B 62 -18.17 -23.78 2.75
C SER B 62 -18.54 -25.24 2.94
N TYR B 63 -19.60 -25.47 3.70
CA TYR B 63 -19.98 -26.83 4.09
C TYR B 63 -21.47 -27.03 3.92
N ALA B 64 -21.88 -28.29 3.92
CA ALA B 64 -23.30 -28.63 3.77
C ALA B 64 -23.91 -28.97 5.13
N ASP B 65 -25.24 -28.93 5.18
CA ASP B 65 -25.95 -29.17 6.44
C ASP B 65 -25.74 -30.60 6.92
N SER B 66 -25.78 -31.57 6.01
CA SER B 66 -25.63 -32.97 6.40
C SER B 66 -24.23 -33.24 6.93
N VAL B 67 -23.21 -32.57 6.39
CA VAL B 67 -21.83 -32.81 6.78
C VAL B 67 -21.17 -31.52 7.26
N LYS B 68 -21.23 -31.28 8.56
CA LYS B 68 -20.55 -30.13 9.17
C LYS B 68 -19.60 -30.51 10.29
N GLY B 69 -20.06 -31.33 11.24
CA GLY B 69 -19.25 -31.69 12.39
C GLY B 69 -18.31 -32.86 12.19
N ARG B 70 -18.30 -33.48 11.00
CA ARG B 70 -17.41 -34.60 10.78
C ARG B 70 -16.73 -34.58 9.41
N PHE B 71 -16.78 -33.46 8.70
CA PHE B 71 -16.19 -33.36 7.37
C PHE B 71 -15.25 -32.15 7.33
N THR B 72 -14.03 -32.37 6.85
CA THR B 72 -13.04 -31.31 6.72
C THR B 72 -12.49 -31.31 5.30
N ILE B 73 -12.22 -30.11 4.78
CA ILE B 73 -11.69 -29.94 3.43
C ILE B 73 -10.51 -28.98 3.49
N SER B 74 -9.45 -29.32 2.75
CA SER B 74 -8.25 -28.51 2.71
C SER B 74 -7.75 -28.45 1.28
N ALA B 75 -6.66 -27.70 1.07
CA ALA B 75 -6.07 -27.56 -0.26
C ALA B 75 -4.61 -27.15 -0.09
N ASP B 76 -3.72 -27.83 -0.80
CA ASP B 76 -2.29 -27.49 -0.82
C ASP B 76 -1.99 -26.85 -2.17
N THR B 77 -1.70 -25.54 -2.14
CA THR B 77 -1.44 -24.82 -3.38
C THR B 77 -0.19 -25.34 -4.07
N SER B 78 0.86 -25.61 -3.29
CA SER B 78 2.09 -26.15 -3.87
C SER B 78 1.86 -27.52 -4.49
N LYS B 79 1.09 -28.37 -3.82
CA LYS B 79 0.82 -29.71 -4.35
C LYS B 79 -0.16 -29.67 -5.52
N ASN B 80 -0.88 -28.56 -5.70
CA ASN B 80 -1.85 -28.40 -6.80
C ASN B 80 -3.01 -29.38 -6.64
N THR B 81 -3.31 -29.77 -5.41
CA THR B 81 -4.37 -30.73 -5.11
C THR B 81 -5.23 -30.20 -3.97
N ALA B 82 -6.39 -30.84 -3.79
CA ALA B 82 -7.30 -30.54 -2.69
C ALA B 82 -7.70 -31.84 -2.00
N TYR B 83 -7.95 -31.74 -0.70
CA TYR B 83 -8.19 -32.91 0.14
C TYR B 83 -9.52 -32.78 0.88
N LEU B 84 -10.13 -33.92 1.18
CA LEU B 84 -11.37 -33.99 1.94
C LEU B 84 -11.25 -35.08 3.00
N GLN B 85 -11.79 -34.81 4.18
CA GLN B 85 -11.73 -35.73 5.31
C GLN B 85 -13.14 -36.08 5.77
N MET B 86 -13.37 -37.35 6.05
CA MET B 86 -14.57 -37.81 6.72
C MET B 86 -14.21 -38.38 8.09
N ASN B 87 -15.12 -38.23 9.05
CA ASN B 87 -14.99 -38.84 10.35
C ASN B 87 -16.35 -39.40 10.77
N SER B 88 -16.31 -40.43 11.61
CA SER B 88 -17.51 -41.08 12.13
C SER B 88 -18.46 -41.46 10.99
N LEU B 89 -17.93 -42.29 10.08
CA LEU B 89 -18.64 -42.67 8.87
C LEU B 89 -19.75 -43.67 9.22
N ARG B 90 -20.93 -43.13 9.48
CA ARG B 90 -22.12 -43.95 9.66
C ARG B 90 -22.67 -44.36 8.30
N ALA B 91 -23.74 -45.16 8.31
CA ALA B 91 -24.25 -45.75 7.08
C ALA B 91 -25.13 -44.79 6.29
N GLU B 92 -24.62 -43.59 6.01
CA GLU B 92 -25.32 -42.66 5.13
C GLU B 92 -24.41 -41.89 4.19
N ASP B 93 -23.10 -42.15 4.19
CA ASP B 93 -22.14 -41.50 3.30
C ASP B 93 -21.46 -42.52 2.39
N THR B 94 -22.22 -43.49 1.90
CA THR B 94 -21.68 -44.56 1.06
C THR B 94 -21.77 -44.22 -0.42
N ALA B 95 -21.72 -42.94 -0.78
CA ALA B 95 -21.97 -42.51 -2.14
C ALA B 95 -20.66 -42.38 -2.92
N VAL B 96 -20.78 -41.98 -4.18
CA VAL B 96 -19.65 -41.65 -5.03
C VAL B 96 -19.38 -40.16 -4.93
N TYR B 97 -18.10 -39.79 -4.84
CA TYR B 97 -17.70 -38.41 -4.54
C TYR B 97 -17.01 -37.81 -5.76
N TYR B 98 -17.60 -36.77 -6.31
CA TYR B 98 -17.03 -36.00 -7.41
C TYR B 98 -16.36 -34.75 -6.87
N CYS B 99 -15.37 -34.26 -7.63
CA CYS B 99 -14.74 -32.97 -7.35
C CYS B 99 -14.81 -32.11 -8.59
N ALA B 100 -15.19 -30.85 -8.41
CA ALA B 100 -15.43 -29.95 -9.53
C ALA B 100 -14.88 -28.57 -9.21
N ARG B 101 -14.65 -27.80 -10.28
CA ARG B 101 -14.15 -26.44 -10.19
C ARG B 101 -15.08 -25.50 -10.94
N TYR B 102 -15.09 -24.24 -10.52
CA TYR B 102 -15.83 -23.23 -11.25
C TYR B 102 -15.12 -22.91 -12.57
N TYR B 103 -15.81 -22.16 -13.42
CA TYR B 103 -15.21 -21.72 -14.67
C TYR B 103 -14.14 -20.66 -14.39
N ILE B 104 -13.10 -20.65 -15.24
CA ILE B 104 -11.97 -19.75 -15.10
C ILE B 104 -11.76 -19.04 -16.43
N LYS B 105 -11.63 -17.71 -16.38
CA LYS B 105 -11.32 -16.91 -17.55
C LYS B 105 -9.82 -16.65 -17.62
N ARG B 106 -9.28 -16.66 -18.82
CA ARG B 106 -7.84 -16.58 -19.05
C ARG B 106 -7.49 -15.48 -20.04
N TRP B 107 -8.04 -14.28 -19.80
CA TRP B 107 -7.64 -13.13 -20.61
C TRP B 107 -6.16 -12.81 -20.35
N TRP B 108 -5.38 -12.78 -21.43
CA TRP B 108 -3.92 -12.59 -21.36
C TRP B 108 -3.37 -13.66 -20.42
N LEU B 109 -2.55 -13.30 -19.44
CA LEU B 109 -2.16 -14.22 -18.38
C LEU B 109 -2.98 -14.03 -17.11
N MET B 110 -3.92 -13.09 -17.10
CA MET B 110 -4.77 -12.85 -15.94
C MET B 110 -5.80 -13.97 -15.84
N SER B 111 -5.78 -14.69 -14.72
CA SER B 111 -6.70 -15.79 -14.49
C SER B 111 -7.61 -15.45 -13.31
N TRP B 112 -8.91 -15.57 -13.52
CA TRP B 112 -9.87 -15.32 -12.46
C TRP B 112 -11.09 -16.21 -12.67
N GLU B 113 -11.61 -16.76 -11.57
CA GLU B 113 -12.78 -17.62 -11.64
C GLU B 113 -14.06 -16.79 -11.61
N ASP B 114 -15.17 -17.42 -11.97
CA ASP B 114 -16.47 -16.78 -11.97
C ASP B 114 -17.50 -17.79 -11.47
N TYR B 115 -17.95 -17.62 -10.23
CA TYR B 115 -18.94 -18.53 -9.66
C TYR B 115 -20.30 -18.42 -10.34
N SER B 116 -20.53 -17.31 -11.06
CA SER B 116 -21.79 -17.15 -11.81
C SER B 116 -21.86 -18.21 -12.92
N MET B 117 -20.70 -18.72 -13.34
CA MET B 117 -20.65 -19.77 -14.39
C MET B 117 -20.73 -21.15 -13.71
N GLY B 118 -21.45 -22.09 -14.33
CA GLY B 118 -21.57 -23.44 -13.76
C GLY B 118 -20.27 -24.22 -13.85
N LEU B 119 -20.12 -25.26 -13.03
CA LEU B 119 -18.89 -26.10 -13.06
C LEU B 119 -18.61 -26.50 -14.52
N ASP B 120 -17.39 -26.25 -15.00
CA ASP B 120 -17.06 -26.52 -16.42
C ASP B 120 -16.11 -27.73 -16.50
N TYR B 121 -15.65 -28.23 -15.34
CA TYR B 121 -14.75 -29.37 -15.32
C TYR B 121 -15.00 -30.18 -14.04
N TRP B 122 -15.27 -31.46 -14.21
CA TRP B 122 -15.60 -32.37 -13.13
C TRP B 122 -14.50 -33.40 -12.95
N GLY B 123 -14.73 -34.34 -12.02
CA GLY B 123 -13.85 -35.46 -11.81
C GLY B 123 -14.55 -36.76 -12.14
N GLN B 124 -13.78 -37.85 -12.11
CA GLN B 124 -14.33 -39.16 -12.42
C GLN B 124 -15.13 -39.70 -11.23
N GLY B 125 -14.52 -39.72 -10.06
CA GLY B 125 -15.21 -40.12 -8.85
C GLY B 125 -14.65 -41.36 -8.16
N THR B 126 -14.67 -41.37 -6.84
CA THR B 126 -14.28 -42.52 -6.04
C THR B 126 -15.49 -43.04 -5.29
N LEU B 127 -15.63 -44.36 -5.25
CA LEU B 127 -16.76 -45.00 -4.58
C LEU B 127 -16.36 -45.25 -3.13
N VAL B 128 -17.05 -44.59 -2.20
CA VAL B 128 -16.84 -44.82 -0.78
C VAL B 128 -17.85 -45.83 -0.28
N THR B 129 -17.38 -46.92 0.33
CA THR B 129 -18.23 -47.99 0.80
C THR B 129 -18.25 -48.00 2.32
N VAL B 130 -19.45 -48.06 2.89
CA VAL B 130 -19.61 -48.07 4.33
C VAL B 130 -20.24 -49.39 4.78
N ILE C 3 -31.08 -21.15 -2.89
CA ILE C 3 -30.69 -21.99 -1.77
C ILE C 3 -31.22 -23.42 -1.98
N GLN C 4 -32.45 -23.52 -2.48
CA GLN C 4 -33.06 -24.81 -2.75
C GLN C 4 -33.78 -24.77 -4.09
N MET C 5 -33.57 -25.78 -4.93
CA MET C 5 -34.26 -25.86 -6.24
C MET C 5 -34.82 -27.28 -6.43
N THR C 6 -36.00 -27.40 -7.04
CA THR C 6 -36.64 -28.73 -7.22
C THR C 6 -37.18 -28.85 -8.65
N GLN C 7 -37.00 -30.02 -9.29
CA GLN C 7 -37.51 -30.24 -10.67
C GLN C 7 -38.73 -31.18 -10.59
N SER C 8 -39.90 -30.72 -11.05
CA SER C 8 -41.08 -31.57 -11.03
C SER C 8 -41.14 -32.65 -12.12
N PRO C 9 -40.73 -32.36 -13.38
CA PRO C 9 -40.86 -33.35 -14.47
C PRO C 9 -40.22 -34.70 -14.15
N SER C 10 -38.94 -34.70 -13.78
CA SER C 10 -38.22 -35.97 -13.52
C SER C 10 -38.27 -36.84 -14.78
N SER C 11 -38.79 -38.07 -14.66
CA SER C 11 -38.94 -38.95 -15.85
C SER C 11 -39.70 -38.21 -16.95
N LEU C 12 -39.18 -38.26 -18.19
CA LEU C 12 -39.82 -37.53 -19.31
C LEU C 12 -39.54 -38.29 -20.62
N SER C 13 -40.53 -39.06 -21.11
CA SER C 13 -40.32 -39.87 -22.29
C SER C 13 -40.79 -39.12 -23.54
N ALA C 14 -40.04 -39.25 -24.62
CA ALA C 14 -40.36 -38.58 -25.88
C ALA C 14 -39.66 -39.31 -27.01
N SER C 15 -40.01 -38.91 -28.24
CA SER C 15 -39.48 -39.54 -29.44
C SER C 15 -38.32 -38.71 -30.00
N VAL C 16 -37.83 -39.08 -31.18
CA VAL C 16 -36.71 -38.38 -31.78
C VAL C 16 -37.12 -36.97 -32.18
N GLY C 17 -38.26 -36.83 -32.85
CA GLY C 17 -38.79 -35.52 -33.15
C GLY C 17 -39.80 -35.07 -32.11
N ASP C 18 -39.33 -34.29 -31.14
CA ASP C 18 -40.18 -33.90 -30.02
C ASP C 18 -39.49 -32.75 -29.28
N ARG C 19 -40.30 -31.95 -28.58
CA ARG C 19 -39.81 -30.84 -27.78
C ARG C 19 -39.78 -31.24 -26.32
N VAL C 20 -38.61 -31.14 -25.69
CA VAL C 20 -38.41 -31.51 -24.30
C VAL C 20 -38.34 -30.23 -23.48
N THR C 21 -39.07 -30.20 -22.35
CA THR C 21 -39.10 -29.04 -21.48
C THR C 21 -38.89 -29.51 -20.04
N ILE C 22 -37.84 -29.01 -19.40
CA ILE C 22 -37.54 -29.30 -18.01
C ILE C 22 -37.52 -27.99 -17.25
N THR C 23 -38.35 -27.87 -16.23
CA THR C 23 -38.52 -26.63 -15.48
C THR C 23 -38.34 -26.89 -13.99
N CYS C 24 -37.52 -26.07 -13.35
CA CYS C 24 -37.35 -26.10 -11.91
C CYS C 24 -37.33 -24.68 -11.34
N ARG C 25 -37.79 -24.54 -10.11
CA ARG C 25 -38.05 -23.24 -9.50
C ARG C 25 -37.14 -23.06 -8.28
N ALA C 26 -36.64 -21.84 -8.10
CA ALA C 26 -35.79 -21.49 -6.96
C ALA C 26 -36.70 -21.06 -5.82
N SER C 27 -36.75 -21.85 -4.75
CA SER C 27 -37.66 -21.57 -3.65
C SER C 27 -37.16 -20.41 -2.79
N GLN C 28 -35.87 -20.38 -2.47
CA GLN C 28 -35.32 -19.41 -1.55
C GLN C 28 -34.06 -18.78 -2.12
N SER C 29 -33.89 -17.48 -1.84
CA SER C 29 -32.72 -16.72 -2.28
C SER C 29 -32.55 -16.81 -3.79
N VAL C 30 -33.53 -16.27 -4.51
CA VAL C 30 -33.54 -16.37 -5.96
C VAL C 30 -32.39 -15.57 -6.55
N SER C 31 -31.68 -16.18 -7.51
CA SER C 31 -30.61 -15.50 -8.21
C SER C 31 -30.51 -16.09 -9.61
N SER C 32 -29.89 -15.33 -10.51
CA SER C 32 -29.77 -15.73 -11.91
C SER C 32 -28.70 -16.79 -12.13
N ALA C 33 -27.89 -17.10 -11.12
CA ALA C 33 -26.81 -18.08 -11.26
C ALA C 33 -27.43 -19.48 -11.24
N VAL C 34 -27.97 -19.90 -12.37
CA VAL C 34 -28.54 -21.23 -12.53
C VAL C 34 -27.73 -21.97 -13.58
N ALA C 35 -27.61 -23.29 -13.41
CA ALA C 35 -26.80 -24.12 -14.28
C ALA C 35 -27.57 -25.36 -14.69
N TRP C 36 -27.23 -25.90 -15.86
CA TRP C 36 -27.84 -27.11 -16.39
C TRP C 36 -26.76 -28.14 -16.68
N TYR C 37 -26.92 -29.34 -16.11
CA TYR C 37 -25.95 -30.41 -16.28
C TYR C 37 -26.64 -31.65 -16.84
N GLN C 38 -25.98 -32.31 -17.79
CA GLN C 38 -26.42 -33.58 -18.34
C GLN C 38 -25.47 -34.67 -17.85
N GLN C 39 -26.02 -35.67 -17.15
CA GLN C 39 -25.23 -36.75 -16.57
C GLN C 39 -25.62 -38.06 -17.24
N LYS C 40 -24.73 -38.58 -18.08
CA LYS C 40 -24.92 -39.92 -18.63
C LYS C 40 -24.75 -40.95 -17.53
N PRO C 41 -25.39 -42.11 -17.66
CA PRO C 41 -25.27 -43.15 -16.62
C PRO C 41 -23.82 -43.54 -16.38
N GLY C 42 -23.39 -43.41 -15.13
CA GLY C 42 -22.04 -43.81 -14.76
C GLY C 42 -20.94 -42.85 -15.16
N LYS C 43 -21.28 -41.62 -15.50
CA LYS C 43 -20.30 -40.62 -15.91
C LYS C 43 -20.46 -39.36 -15.08
N ALA C 44 -19.54 -38.42 -15.28
CA ALA C 44 -19.62 -37.13 -14.63
C ALA C 44 -20.57 -36.21 -15.38
N PRO C 45 -21.26 -35.26 -14.69
CA PRO C 45 -22.24 -34.37 -15.34
C PRO C 45 -21.59 -33.47 -16.40
N LYS C 46 -22.39 -32.90 -17.29
CA LYS C 46 -21.86 -32.00 -18.36
C LYS C 46 -22.62 -30.68 -18.34
N LEU C 47 -21.91 -29.55 -18.20
CA LEU C 47 -22.55 -28.22 -18.15
C LEU C 47 -23.06 -27.84 -19.55
N LEU C 48 -24.34 -27.48 -19.66
CA LEU C 48 -24.92 -27.05 -20.96
C LEU C 48 -25.32 -25.58 -20.85
N ILE C 49 -26.54 -25.31 -20.37
CA ILE C 49 -26.98 -23.90 -20.15
C ILE C 49 -26.53 -23.49 -18.74
N TYR C 50 -26.48 -22.19 -18.44
CA TYR C 50 -25.82 -21.72 -17.19
C TYR C 50 -25.90 -20.19 -17.12
N SER C 53 -27.96 -18.97 -18.86
CA SER C 53 -28.81 -18.74 -20.05
C SER C 53 -27.90 -18.50 -21.27
N SER C 54 -26.72 -19.13 -21.28
CA SER C 54 -25.74 -18.94 -22.39
C SER C 54 -25.22 -20.30 -22.83
N LEU C 55 -24.97 -20.48 -24.13
CA LEU C 55 -24.58 -21.80 -24.60
C LEU C 55 -23.10 -22.02 -24.30
N TYR C 56 -22.79 -23.11 -23.60
CA TYR C 56 -21.40 -23.49 -23.40
C TYR C 56 -20.78 -23.92 -24.73
N SER C 57 -19.48 -23.66 -24.87
CA SER C 57 -18.80 -23.99 -26.11
C SER C 57 -18.77 -25.50 -26.31
N GLY C 58 -19.04 -25.93 -27.55
CA GLY C 58 -19.08 -27.34 -27.88
C GLY C 58 -20.42 -27.99 -27.71
N VAL C 59 -21.40 -27.30 -27.14
CA VAL C 59 -22.75 -27.83 -26.98
C VAL C 59 -23.55 -27.51 -28.24
N PRO C 60 -24.27 -28.48 -28.81
CA PRO C 60 -25.04 -28.20 -30.03
C PRO C 60 -26.12 -27.16 -29.79
N SER C 61 -26.44 -26.42 -30.84
CA SER C 61 -27.39 -25.31 -30.76
C SER C 61 -28.84 -25.81 -30.76
N ARG C 62 -29.14 -26.65 -29.76
CA ARG C 62 -30.51 -27.08 -29.53
C ARG C 62 -30.92 -27.03 -28.06
N PHE C 63 -30.00 -26.79 -27.13
CA PHE C 63 -30.34 -26.58 -25.73
C PHE C 63 -30.50 -25.09 -25.47
N SER C 64 -31.51 -24.73 -24.69
CA SER C 64 -31.79 -23.34 -24.40
C SER C 64 -32.33 -23.23 -22.98
N GLY C 65 -31.94 -22.14 -22.30
CA GLY C 65 -32.41 -21.86 -20.96
C GLY C 65 -33.07 -20.50 -20.90
N SER C 66 -34.07 -20.38 -20.02
CA SER C 66 -34.79 -19.13 -19.86
C SER C 66 -35.35 -19.06 -18.45
N ARG C 67 -35.69 -17.84 -18.04
CA ARG C 67 -36.28 -17.64 -16.72
C ARG C 67 -37.14 -16.38 -16.68
N SER C 68 -38.32 -16.47 -16.05
CA SER C 68 -39.16 -15.30 -15.86
C SER C 68 -38.92 -14.65 -14.51
N GLY C 69 -38.03 -15.22 -13.70
CA GLY C 69 -37.76 -14.71 -12.36
C GLY C 69 -37.67 -15.82 -11.35
N THR C 70 -38.49 -16.85 -11.52
CA THR C 70 -38.42 -18.05 -10.71
C THR C 70 -38.49 -19.34 -11.52
N ASP C 71 -39.02 -19.30 -12.73
CA ASP C 71 -39.20 -20.51 -13.55
C ASP C 71 -38.01 -20.68 -14.47
N PHE C 72 -37.02 -21.45 -14.01
CA PHE C 72 -35.89 -21.82 -14.84
C PHE C 72 -36.24 -23.04 -15.67
N THR C 73 -36.09 -22.92 -16.99
CA THR C 73 -36.54 -23.97 -17.91
C THR C 73 -35.44 -24.28 -18.90
N LEU C 74 -35.19 -25.57 -19.12
CA LEU C 74 -34.28 -26.05 -20.14
C LEU C 74 -35.08 -26.71 -21.26
N THR C 75 -34.82 -26.30 -22.50
CA THR C 75 -35.57 -26.77 -23.65
C THR C 75 -34.63 -27.39 -24.67
N ILE C 76 -35.06 -28.49 -25.29
CA ILE C 76 -34.32 -29.16 -26.34
C ILE C 76 -35.16 -29.14 -27.61
N SER C 77 -34.59 -28.63 -28.69
CA SER C 77 -35.33 -28.49 -29.94
C SER C 77 -35.74 -29.85 -30.49
N SER C 78 -34.84 -30.83 -30.44
CA SER C 78 -35.14 -32.18 -30.90
C SER C 78 -34.41 -33.17 -30.00
N LEU C 79 -35.16 -34.16 -29.50
CA LEU C 79 -34.57 -35.15 -28.57
C LEU C 79 -33.83 -36.23 -29.36
N GLN C 80 -32.53 -36.06 -29.58
CA GLN C 80 -31.74 -37.06 -30.32
C GLN C 80 -31.48 -38.27 -29.41
N PRO C 81 -31.18 -39.46 -29.94
CA PRO C 81 -30.84 -40.62 -29.09
C PRO C 81 -29.63 -40.40 -28.21
N GLU C 82 -28.80 -39.41 -28.49
CA GLU C 82 -27.55 -39.19 -27.78
C GLU C 82 -27.73 -38.42 -26.48
N ASP C 83 -28.93 -37.93 -26.18
CA ASP C 83 -29.18 -37.18 -24.95
C ASP C 83 -30.34 -37.78 -24.18
N PHE C 84 -30.32 -39.10 -24.03
CA PHE C 84 -31.30 -39.80 -23.19
C PHE C 84 -30.70 -40.10 -21.81
N ALA C 85 -30.42 -39.03 -21.07
CA ALA C 85 -29.75 -39.13 -19.78
C ALA C 85 -30.48 -38.25 -18.77
N THR C 86 -29.96 -38.25 -17.54
CA THR C 86 -30.53 -37.44 -16.47
C THR C 86 -30.05 -35.99 -16.58
N TYR C 87 -30.88 -35.07 -16.09
CA TYR C 87 -30.60 -33.64 -16.14
C TYR C 87 -30.82 -33.02 -14.77
N TYR C 88 -29.94 -32.09 -14.41
CA TYR C 88 -30.00 -31.41 -13.12
C TYR C 88 -29.89 -29.91 -13.32
N CYS C 89 -30.72 -29.14 -12.61
CA CYS C 89 -30.58 -27.66 -12.64
C CYS C 89 -29.78 -27.28 -11.39
N GLN C 90 -28.87 -26.30 -11.48
CA GLN C 90 -27.99 -26.05 -10.31
C GLN C 90 -27.88 -24.56 -9.95
N GLN C 91 -28.12 -24.22 -8.68
CA GLN C 91 -27.95 -22.86 -8.19
C GLN C 91 -26.56 -22.75 -7.58
N SER C 92 -25.76 -21.82 -8.11
CA SER C 92 -24.38 -21.62 -7.64
C SER C 92 -24.26 -20.18 -7.15
N SER C 93 -24.60 -19.98 -5.88
CA SER C 93 -24.43 -18.69 -5.23
C SER C 93 -23.03 -18.63 -4.61
N SER C 94 -22.78 -17.63 -3.77
CA SER C 94 -21.54 -17.53 -3.03
C SER C 94 -21.70 -18.26 -1.69
N SER C 95 -20.79 -19.20 -1.43
CA SER C 95 -20.76 -20.05 -0.23
C SER C 95 -21.87 -21.08 -0.19
N LEU C 96 -22.66 -21.22 -1.26
CA LEU C 96 -23.75 -22.18 -1.28
C LEU C 96 -23.85 -22.84 -2.65
N ILE C 97 -24.00 -24.16 -2.67
CA ILE C 97 -24.18 -24.92 -3.88
C ILE C 97 -25.33 -25.90 -3.65
N THR C 98 -26.33 -25.87 -4.52
CA THR C 98 -27.49 -26.74 -4.38
C THR C 98 -27.83 -27.37 -5.72
N PHE C 99 -28.50 -28.52 -5.67
CA PHE C 99 -28.84 -29.30 -6.84
C PHE C 99 -30.32 -29.65 -6.82
N GLY C 100 -30.86 -29.96 -7.99
CA GLY C 100 -32.25 -30.34 -8.13
C GLY C 100 -32.48 -31.79 -7.80
N GLN C 101 -33.55 -32.34 -8.38
CA GLN C 101 -33.93 -33.72 -8.11
C GLN C 101 -33.45 -34.68 -9.20
N GLY C 102 -33.64 -34.31 -10.47
CA GLY C 102 -33.23 -35.17 -11.55
C GLY C 102 -34.33 -35.44 -12.57
N THR C 103 -34.07 -35.11 -13.83
CA THR C 103 -34.99 -35.37 -14.93
C THR C 103 -34.29 -36.25 -15.95
N LYS C 104 -34.79 -37.46 -16.14
CA LYS C 104 -34.15 -38.47 -16.97
C LYS C 104 -34.91 -38.63 -18.29
N VAL C 105 -34.43 -39.59 -19.09
CA VAL C 105 -34.96 -39.93 -20.42
C VAL C 105 -35.55 -38.74 -21.16
#